data_1RJZ
#
_entry.id   1RJZ
#
_cell.length_a   66.572
_cell.length_b   90.177
_cell.length_c   88.984
_cell.angle_alpha   90.00
_cell.angle_beta   111.32
_cell.angle_gamma   90.00
#
_symmetry.space_group_name_H-M   'P 1 21 1'
#
loop_
_entity.id
_entity.type
_entity.pdbx_description
1 polymer 'H-2 class I histocompatibility antigen, K-B alpha chain'
2 polymer Beta-2-microglobulin
3 polymer 'Glycoprotein B'
4 water water
#
loop_
_entity_poly.entity_id
_entity_poly.type
_entity_poly.pdbx_seq_one_letter_code
_entity_poly.pdbx_strand_id
1 'polypeptide(L)'
;GPHSLRYFVTAVSRPGLGEPRFISVGYVDNTEFVRFDSDAENPRYEPRARWMEQEGPEYWERETQKAKGNEQSFRVDLRT
LLGYYNQSKGGSHTIQVISGCEVGSDGRLLRGYQQYAYDGCDYIALNEDLKTWTAADMAALITKHKWEQAGEAERLRAYL
EGTCVEWLRRYLKNGNATLLRTDSPKAHVTHHSRPEDKVTLRCWALGFYPADITLTWQLNGEELIQDMELVETRPAGDGT
FQKWASVVVPLGKEQYYTCHVYHQGLPEPLTLRWEPPPST
;
A,D
2 'polypeptide(L)'
;MIQKTPQIQVYSRHPPENGKPNILNCYVTQFHPPHIEIQMLKNGKKIPKVEMSDMSFSKDWSFYILAHTEFTPTETDTYA
CRVKHDSMAEPKTVYWDRDM
;
B,E
3 'polypeptide(L)' SEIEFARL P,Q
#
# COMPACT_ATOMS: atom_id res chain seq x y z
N GLY A 1 34.95 -0.16 10.75
CA GLY A 1 33.48 -0.07 10.56
C GLY A 1 32.74 -1.24 11.17
N PRO A 2 31.39 -1.20 11.23
CA PRO A 2 30.61 -2.30 11.80
C PRO A 2 30.75 -3.57 10.96
N HIS A 3 30.28 -4.69 11.50
CA HIS A 3 30.37 -5.96 10.80
C HIS A 3 29.14 -6.80 11.11
N SER A 4 29.06 -7.99 10.52
CA SER A 4 27.90 -8.82 10.76
C SER A 4 27.95 -10.22 10.16
N LEU A 5 27.36 -11.16 10.90
CA LEU A 5 27.27 -12.56 10.49
C LEU A 5 25.80 -12.96 10.54
N ARG A 6 25.24 -13.22 9.36
CA ARG A 6 23.83 -13.61 9.24
C ARG A 6 23.71 -14.84 8.33
N TYR A 7 22.68 -15.65 8.57
CA TYR A 7 22.42 -16.83 7.75
C TYR A 7 21.03 -16.69 7.11
N PHE A 8 20.97 -16.90 5.79
CA PHE A 8 19.72 -16.83 5.04
C PHE A 8 19.33 -18.27 4.65
N VAL A 9 18.38 -18.83 5.39
CA VAL A 9 17.91 -20.19 5.19
C VAL A 9 16.55 -20.29 4.48
N THR A 10 16.47 -21.24 3.54
CA THR A 10 15.25 -21.47 2.79
C THR A 10 14.91 -22.94 2.65
N ALA A 11 13.64 -23.28 2.85
CA ALA A 11 13.18 -24.65 2.72
C ALA A 11 11.93 -24.62 1.84
N VAL A 12 11.99 -25.27 0.68
CA VAL A 12 10.86 -25.30 -0.24
C VAL A 12 10.28 -26.69 -0.41
N SER A 13 9.06 -26.90 0.08
CA SER A 13 8.42 -28.19 -0.06
C SER A 13 8.08 -28.33 -1.53
N ARG A 14 8.42 -29.49 -2.09
CA ARG A 14 8.15 -29.78 -3.49
C ARG A 14 7.30 -31.04 -3.51
N PRO A 15 6.05 -30.94 -3.05
CA PRO A 15 5.21 -32.14 -3.05
C PRO A 15 5.19 -32.85 -4.41
N GLY A 16 5.40 -34.16 -4.37
CA GLY A 16 5.42 -34.95 -5.59
C GLY A 16 6.83 -35.05 -6.15
N LEU A 17 7.43 -33.90 -6.45
CA LEU A 17 8.77 -33.87 -6.99
C LEU A 17 9.81 -34.52 -6.07
N GLY A 18 9.46 -34.68 -4.80
CA GLY A 18 10.37 -35.29 -3.84
C GLY A 18 10.49 -34.52 -2.54
N GLU A 19 11.56 -34.78 -1.79
CA GLU A 19 11.80 -34.12 -0.51
C GLU A 19 12.02 -32.60 -0.69
N PRO A 20 11.73 -31.81 0.36
CA PRO A 20 11.88 -30.35 0.32
C PRO A 20 13.32 -29.89 0.07
N ARG A 21 13.45 -28.87 -0.78
CA ARG A 21 14.74 -28.29 -1.12
C ARG A 21 15.20 -27.36 0.00
N PHE A 22 16.25 -27.74 0.71
CA PHE A 22 16.78 -26.92 1.81
C PHE A 22 18.08 -26.21 1.36
N ILE A 23 18.16 -24.89 1.56
CA ILE A 23 19.34 -24.14 1.17
C ILE A 23 19.73 -23.10 2.20
N SER A 24 20.83 -23.36 2.91
CA SER A 24 21.32 -22.44 3.94
C SER A 24 22.54 -21.65 3.44
N VAL A 25 22.48 -20.31 3.54
CA VAL A 25 23.56 -19.45 3.07
C VAL A 25 24.05 -18.42 4.10
N GLY A 26 25.30 -18.53 4.51
CA GLY A 26 25.84 -17.59 5.49
C GLY A 26 26.52 -16.39 4.90
N TYR A 27 26.22 -15.21 5.43
CA TYR A 27 26.83 -13.97 4.93
C TYR A 27 27.59 -13.23 6.02
N VAL A 28 28.78 -12.74 5.69
CA VAL A 28 29.60 -11.95 6.62
C VAL A 28 29.76 -10.60 5.95
N ASP A 29 29.18 -9.56 6.54
CA ASP A 29 29.28 -8.24 5.93
C ASP A 29 28.60 -8.34 4.57
N ASN A 30 27.42 -8.91 4.51
CA ASN A 30 26.71 -9.05 3.25
C ASN A 30 27.52 -9.76 2.16
N THR A 31 28.43 -10.65 2.56
CA THR A 31 29.24 -11.39 1.59
C THR A 31 29.15 -12.88 1.85
N GLU A 32 28.51 -13.61 0.94
CA GLU A 32 28.35 -15.04 1.09
C GLU A 32 29.72 -15.67 1.37
N PHE A 33 29.78 -16.51 2.40
CA PHE A 33 31.04 -17.18 2.71
C PHE A 33 30.83 -18.70 2.85
N VAL A 34 29.59 -19.10 3.08
CA VAL A 34 29.24 -20.52 3.19
C VAL A 34 27.86 -20.80 2.62
N ARG A 35 27.62 -22.05 2.27
CA ARG A 35 26.35 -22.45 1.70
C ARG A 35 26.13 -23.94 1.77
N PHE A 36 24.90 -24.32 2.09
CA PHE A 36 24.50 -25.74 2.15
C PHE A 36 23.37 -25.89 1.14
N ASP A 37 23.13 -27.09 0.67
CA ASP A 37 22.06 -27.34 -0.30
C ASP A 37 21.72 -28.82 -0.35
N SER A 38 20.56 -29.18 0.18
CA SER A 38 20.16 -30.59 0.22
C SER A 38 20.07 -31.15 -1.18
N ASP A 39 19.51 -30.37 -2.10
CA ASP A 39 19.34 -30.83 -3.46
C ASP A 39 20.65 -30.94 -4.21
N ALA A 40 21.68 -31.36 -3.48
CA ALA A 40 23.00 -31.56 -4.05
C ALA A 40 23.38 -33.00 -3.81
N GLU A 41 24.34 -33.48 -4.60
CA GLU A 41 24.84 -34.85 -4.55
C GLU A 41 24.90 -35.40 -3.13
N ASN A 42 25.88 -34.96 -2.35
CA ASN A 42 26.01 -35.38 -0.96
C ASN A 42 26.11 -34.08 -0.18
N PRO A 43 24.97 -33.47 0.17
CA PRO A 43 24.91 -32.21 0.91
C PRO A 43 25.95 -32.02 2.02
N ARG A 44 26.76 -30.97 1.86
CA ARG A 44 27.80 -30.62 2.83
C ARG A 44 28.01 -29.11 2.75
N TYR A 45 28.56 -28.53 3.80
CA TYR A 45 28.83 -27.10 3.80
C TYR A 45 30.09 -26.85 3.00
N GLU A 46 29.98 -25.99 2.00
CA GLU A 46 31.12 -25.66 1.16
C GLU A 46 31.46 -24.17 1.31
N PRO A 47 32.76 -23.83 1.31
CA PRO A 47 33.16 -22.44 1.43
C PRO A 47 32.79 -21.66 0.18
N ARG A 48 32.39 -20.41 0.34
CA ARG A 48 32.03 -19.61 -0.81
C ARG A 48 33.09 -18.54 -0.98
N ALA A 49 33.84 -18.29 0.09
CA ALA A 49 34.91 -17.31 0.08
C ALA A 49 36.22 -18.04 0.39
N ARG A 50 37.18 -17.96 -0.51
CA ARG A 50 38.47 -18.64 -0.34
C ARG A 50 39.01 -18.60 1.09
N TRP A 51 38.84 -17.47 1.75
CA TRP A 51 39.33 -17.36 3.11
C TRP A 51 38.69 -18.32 4.11
N MET A 52 37.66 -19.05 3.70
CA MET A 52 37.03 -19.99 4.62
C MET A 52 37.71 -21.35 4.65
N GLU A 53 38.57 -21.60 3.67
CA GLU A 53 39.29 -22.87 3.60
C GLU A 53 40.32 -22.98 4.71
N GLN A 54 40.43 -21.91 5.50
CA GLN A 54 41.34 -21.85 6.63
C GLN A 54 40.75 -22.67 7.78
N GLU A 55 39.51 -23.11 7.60
CA GLU A 55 38.82 -23.92 8.61
C GLU A 55 39.06 -25.40 8.37
N GLY A 56 39.35 -26.13 9.43
CA GLY A 56 39.63 -27.55 9.30
C GLY A 56 38.42 -28.42 9.00
N PRO A 57 38.64 -29.70 8.72
CA PRO A 57 37.58 -30.66 8.41
C PRO A 57 36.59 -30.92 9.57
N GLU A 58 36.84 -30.30 10.72
CA GLU A 58 35.95 -30.45 11.86
C GLU A 58 34.80 -29.49 11.60
N TYR A 59 35.12 -28.21 11.60
CA TYR A 59 34.16 -27.14 11.37
C TYR A 59 33.10 -27.62 10.37
N TRP A 60 33.57 -27.99 9.20
CA TRP A 60 32.68 -28.46 8.14
C TRP A 60 31.82 -29.62 8.59
N GLU A 61 32.44 -30.65 9.14
CA GLU A 61 31.66 -31.79 9.63
C GLU A 61 30.63 -31.25 10.61
N ARG A 62 31.11 -30.58 11.66
CA ARG A 62 30.19 -30.04 12.67
C ARG A 62 29.13 -29.15 12.08
N GLU A 63 29.52 -28.24 11.20
CA GLU A 63 28.56 -27.34 10.62
C GLU A 63 27.61 -28.03 9.67
N THR A 64 28.11 -29.03 8.95
CA THR A 64 27.27 -29.76 8.01
C THR A 64 26.16 -30.54 8.72
N GLN A 65 26.54 -31.28 9.76
CA GLN A 65 25.57 -32.07 10.51
C GLN A 65 24.50 -31.20 11.14
N LYS A 66 24.86 -29.95 11.41
CA LYS A 66 23.92 -29.01 12.02
C LYS A 66 22.97 -28.55 10.92
N ALA A 67 23.48 -28.43 9.71
CA ALA A 67 22.66 -27.99 8.58
C ALA A 67 21.60 -29.05 8.28
N LYS A 68 22.02 -30.31 8.35
CA LYS A 68 21.14 -31.43 8.09
C LYS A 68 20.07 -31.52 9.18
N GLY A 69 20.46 -31.11 10.39
CA GLY A 69 19.54 -31.13 11.51
C GLY A 69 18.50 -30.02 11.41
N ASN A 70 18.89 -28.89 10.85
CA ASN A 70 17.95 -27.79 10.69
C ASN A 70 17.06 -28.17 9.51
N GLU A 71 17.64 -28.83 8.53
CA GLU A 71 16.91 -29.27 7.36
C GLU A 71 15.68 -30.04 7.79
N GLN A 72 15.90 -31.09 8.59
CA GLN A 72 14.79 -31.93 9.04
C GLN A 72 13.78 -31.15 9.88
N SER A 73 14.24 -30.26 10.74
CA SER A 73 13.29 -29.49 11.53
C SER A 73 12.44 -28.68 10.57
N PHE A 74 13.08 -28.09 9.58
CA PHE A 74 12.37 -27.31 8.58
C PHE A 74 11.34 -28.15 7.83
N ARG A 75 11.69 -29.42 7.61
CA ARG A 75 10.81 -30.36 6.94
C ARG A 75 9.57 -30.53 7.81
N VAL A 76 9.78 -30.56 9.12
CA VAL A 76 8.68 -30.71 10.05
C VAL A 76 7.90 -29.39 10.07
N ASP A 77 8.61 -28.30 10.28
CA ASP A 77 7.95 -27.01 10.34
C ASP A 77 6.96 -26.87 9.20
N LEU A 78 7.39 -27.15 7.98
CA LEU A 78 6.50 -27.05 6.82
C LEU A 78 5.20 -27.82 7.03
N ARG A 79 5.32 -29.04 7.55
CA ARG A 79 4.14 -29.86 7.80
C ARG A 79 3.28 -29.17 8.83
N THR A 80 3.93 -28.64 9.85
CA THR A 80 3.21 -27.95 10.90
C THR A 80 2.42 -26.77 10.35
N LEU A 81 3.06 -25.92 9.57
CA LEU A 81 2.38 -24.74 9.04
C LEU A 81 1.22 -25.10 8.15
N LEU A 82 1.27 -26.24 7.48
CA LEU A 82 0.15 -26.65 6.64
C LEU A 82 -1.01 -26.89 7.57
N GLY A 83 -0.68 -27.25 8.81
CA GLY A 83 -1.70 -27.49 9.80
C GLY A 83 -2.28 -26.18 10.24
N TYR A 84 -1.44 -25.27 10.72
CA TYR A 84 -1.91 -23.95 11.16
C TYR A 84 -2.79 -23.25 10.13
N TYR A 85 -2.34 -23.24 8.88
CA TYR A 85 -3.08 -22.59 7.81
C TYR A 85 -4.07 -23.48 7.04
N ASN A 86 -4.33 -24.68 7.56
CA ASN A 86 -5.24 -25.62 6.90
C ASN A 86 -5.06 -25.61 5.37
N GLN A 87 -3.87 -26.03 4.92
CA GLN A 87 -3.56 -26.07 3.49
C GLN A 87 -3.30 -27.51 3.03
N SER A 88 -3.67 -27.83 1.80
CA SER A 88 -3.50 -29.20 1.30
C SER A 88 -2.03 -29.63 1.22
N LYS A 89 -1.82 -30.94 1.32
CA LYS A 89 -0.47 -31.48 1.27
C LYS A 89 -0.01 -31.68 -0.16
N GLY A 90 -0.65 -31.00 -1.10
CA GLY A 90 -0.25 -31.15 -2.49
C GLY A 90 0.23 -29.88 -3.18
N GLY A 91 0.56 -28.87 -2.38
CA GLY A 91 1.03 -27.61 -2.92
C GLY A 91 2.39 -27.25 -2.37
N SER A 92 3.13 -26.41 -3.09
CA SER A 92 4.48 -25.99 -2.67
C SER A 92 4.48 -24.76 -1.75
N HIS A 93 5.25 -24.85 -0.68
CA HIS A 93 5.34 -23.75 0.29
C HIS A 93 6.77 -23.36 0.66
N THR A 94 6.94 -22.11 1.10
CA THR A 94 8.26 -21.65 1.43
C THR A 94 8.45 -21.15 2.84
N ILE A 95 9.47 -21.66 3.52
CA ILE A 95 9.79 -21.19 4.85
C ILE A 95 11.18 -20.55 4.70
N GLN A 96 11.29 -19.29 5.13
CA GLN A 96 12.53 -18.55 5.04
C GLN A 96 12.92 -18.01 6.40
N VAL A 97 14.22 -17.89 6.63
CA VAL A 97 14.70 -17.36 7.90
C VAL A 97 15.96 -16.53 7.72
N ILE A 98 16.07 -15.52 8.56
CA ILE A 98 17.26 -14.68 8.56
C ILE A 98 17.65 -14.74 10.02
N SER A 99 18.86 -15.22 10.28
CA SER A 99 19.34 -15.35 11.63
C SER A 99 20.76 -14.84 11.69
N GLY A 100 21.01 -13.83 12.52
CA GLY A 100 22.34 -13.30 12.60
C GLY A 100 22.60 -12.23 13.64
N CYS A 101 23.75 -11.59 13.54
CA CYS A 101 24.12 -10.57 14.49
C CYS A 101 24.96 -9.47 13.85
N GLU A 102 24.72 -8.24 14.26
CA GLU A 102 25.46 -7.11 13.75
C GLU A 102 26.21 -6.50 14.94
N VAL A 103 27.51 -6.34 14.78
CA VAL A 103 28.33 -5.79 15.85
C VAL A 103 28.85 -4.41 15.51
N GLY A 104 29.40 -3.74 16.52
CA GLY A 104 29.94 -2.41 16.33
C GLY A 104 31.44 -2.52 16.08
N SER A 105 32.12 -1.37 16.02
CA SER A 105 33.55 -1.35 15.77
C SER A 105 34.34 -1.90 16.96
N ASP A 106 33.67 -2.05 18.09
CA ASP A 106 34.31 -2.54 19.30
C ASP A 106 34.23 -4.06 19.51
N GLY A 107 33.42 -4.75 18.71
CA GLY A 107 33.29 -6.20 18.87
C GLY A 107 32.09 -6.54 19.73
N ARG A 108 31.29 -5.53 20.03
CA ARG A 108 30.10 -5.69 20.83
C ARG A 108 28.91 -5.93 19.91
N LEU A 109 27.75 -6.23 20.50
CA LEU A 109 26.55 -6.47 19.71
C LEU A 109 25.73 -5.20 19.53
N LEU A 110 25.32 -4.92 18.29
CA LEU A 110 24.51 -3.74 17.98
C LEU A 110 23.05 -4.11 17.80
N ARG A 111 22.83 -5.28 17.18
CA ARG A 111 21.49 -5.78 16.95
C ARG A 111 21.54 -7.21 16.45
N GLY A 112 20.74 -8.09 17.03
CA GLY A 112 20.68 -9.46 16.60
C GLY A 112 19.37 -9.69 15.85
N TYR A 113 19.34 -10.63 14.91
CA TYR A 113 18.10 -10.87 14.19
C TYR A 113 17.68 -12.33 14.26
N GLN A 114 16.38 -12.56 14.06
CA GLN A 114 15.80 -13.89 14.06
C GLN A 114 14.36 -13.70 13.63
N GLN A 115 14.13 -13.77 12.32
CA GLN A 115 12.80 -13.59 11.76
C GLN A 115 12.42 -14.62 10.72
N TYR A 116 11.21 -15.14 10.83
CA TYR A 116 10.74 -16.14 9.89
C TYR A 116 9.78 -15.51 8.89
N ALA A 117 9.54 -16.25 7.81
CA ALA A 117 8.63 -15.80 6.77
C ALA A 117 8.09 -17.07 6.12
N TYR A 118 6.79 -17.07 5.83
CA TYR A 118 6.18 -18.23 5.22
C TYR A 118 5.66 -17.70 3.90
N ASP A 119 5.88 -18.43 2.82
CA ASP A 119 5.45 -18.00 1.50
C ASP A 119 5.72 -16.52 1.18
N GLY A 120 6.81 -15.97 1.73
CA GLY A 120 7.18 -14.59 1.47
C GLY A 120 6.47 -13.49 2.25
N CYS A 121 6.04 -13.82 3.46
CA CYS A 121 5.33 -12.86 4.30
C CYS A 121 5.76 -13.04 5.74
N ASP A 122 6.25 -11.96 6.36
CA ASP A 122 6.71 -12.02 7.75
C ASP A 122 5.82 -12.97 8.56
N TYR A 123 6.44 -13.88 9.30
CA TYR A 123 5.70 -14.83 10.12
C TYR A 123 5.89 -14.43 11.58
N ILE A 124 7.15 -14.46 12.02
CA ILE A 124 7.45 -14.09 13.37
C ILE A 124 8.84 -13.48 13.33
N ALA A 125 9.18 -12.70 14.35
CA ALA A 125 10.49 -12.07 14.42
C ALA A 125 10.79 -11.69 15.86
N LEU A 126 12.04 -11.78 16.25
CA LEU A 126 12.41 -11.42 17.60
C LEU A 126 12.51 -9.91 17.63
N ASN A 127 12.04 -9.32 18.73
CA ASN A 127 12.06 -7.87 18.90
C ASN A 127 13.46 -7.44 19.22
N GLU A 128 13.79 -6.19 18.90
CA GLU A 128 15.13 -5.70 19.17
C GLU A 128 15.49 -5.88 20.64
N ASP A 129 14.48 -5.88 21.50
CA ASP A 129 14.71 -6.03 22.92
C ASP A 129 15.23 -7.40 23.29
N LEU A 130 15.30 -8.29 22.28
CA LEU A 130 15.79 -9.66 22.44
C LEU A 130 15.11 -10.42 23.57
N LYS A 131 13.81 -10.21 23.74
CA LYS A 131 13.05 -10.87 24.80
C LYS A 131 11.63 -11.22 24.40
N THR A 132 11.01 -10.41 23.56
CA THR A 132 9.63 -10.63 23.13
C THR A 132 9.50 -10.78 21.61
N TRP A 133 8.43 -11.42 21.16
CA TRP A 133 8.20 -11.68 19.74
C TRP A 133 7.06 -10.90 19.11
N THR A 134 7.13 -10.76 17.78
CA THR A 134 6.12 -10.06 17.00
C THR A 134 5.48 -11.00 15.98
N ALA A 135 4.41 -11.67 16.40
CA ALA A 135 3.69 -12.61 15.54
C ALA A 135 2.94 -11.86 14.45
N ALA A 136 3.14 -12.27 13.20
CA ALA A 136 2.51 -11.62 12.06
C ALA A 136 1.03 -11.93 11.86
N ASP A 137 0.57 -13.07 12.39
CA ASP A 137 -0.84 -13.44 12.29
C ASP A 137 -1.26 -14.53 13.27
N MET A 138 -2.49 -15.02 13.13
CA MET A 138 -3.04 -16.03 14.00
C MET A 138 -2.14 -17.24 14.14
N ALA A 139 -1.57 -17.67 13.02
CA ALA A 139 -0.70 -18.83 12.99
C ALA A 139 0.56 -18.59 13.83
N ALA A 140 1.26 -17.52 13.50
CA ALA A 140 2.48 -17.14 14.19
C ALA A 140 2.30 -17.09 15.71
N LEU A 141 1.10 -16.72 16.14
CA LEU A 141 0.80 -16.61 17.57
C LEU A 141 0.98 -17.93 18.29
N ILE A 142 0.67 -19.01 17.60
CA ILE A 142 0.81 -20.34 18.20
C ILE A 142 2.28 -20.62 18.46
N THR A 143 3.15 -20.27 17.52
CA THR A 143 4.57 -20.48 17.69
C THR A 143 5.01 -19.55 18.82
N LYS A 144 4.46 -18.33 18.80
CA LYS A 144 4.78 -17.32 19.79
C LYS A 144 4.53 -17.75 21.22
N HIS A 145 3.41 -18.38 21.50
CA HIS A 145 3.15 -18.82 22.87
C HIS A 145 4.07 -19.99 23.20
N LYS A 146 4.34 -20.84 22.20
CA LYS A 146 5.22 -21.99 22.38
C LYS A 146 6.61 -21.53 22.76
N TRP A 147 7.11 -20.55 22.03
CA TRP A 147 8.44 -20.04 22.27
C TRP A 147 8.56 -19.19 23.55
N GLU A 148 7.46 -18.59 23.99
CA GLU A 148 7.50 -17.81 25.23
C GLU A 148 7.65 -18.82 26.35
N GLN A 149 6.91 -19.92 26.23
CA GLN A 149 6.94 -21.01 27.20
C GLN A 149 8.32 -21.64 27.28
N ALA A 150 8.84 -22.09 26.15
CA ALA A 150 10.15 -22.72 26.10
C ALA A 150 11.26 -21.74 26.44
N GLY A 151 10.96 -20.46 26.32
CA GLY A 151 11.97 -19.44 26.60
C GLY A 151 12.95 -19.30 25.46
N GLU A 152 12.43 -19.34 24.25
CA GLU A 152 13.26 -19.23 23.07
C GLU A 152 13.99 -17.88 23.03
N ALA A 153 13.27 -16.82 23.35
CA ALA A 153 13.86 -15.49 23.34
C ALA A 153 15.21 -15.46 24.07
N GLU A 154 15.31 -16.24 25.15
CA GLU A 154 16.54 -16.29 25.92
C GLU A 154 17.62 -17.09 25.22
N ARG A 155 17.26 -18.26 24.73
CA ARG A 155 18.20 -19.12 24.02
C ARG A 155 18.90 -18.36 22.90
N LEU A 156 18.14 -17.52 22.20
CA LEU A 156 18.69 -16.76 21.09
C LEU A 156 19.49 -15.57 21.62
N ARG A 157 18.97 -14.92 22.64
CA ARG A 157 19.67 -13.78 23.23
C ARG A 157 21.07 -14.27 23.56
N ALA A 158 21.15 -15.51 24.05
CA ALA A 158 22.43 -16.12 24.40
C ALA A 158 23.31 -16.28 23.16
N TYR A 159 22.75 -16.91 22.13
CA TYR A 159 23.45 -17.16 20.88
C TYR A 159 23.93 -15.85 20.26
N LEU A 160 23.01 -14.92 20.13
CA LEU A 160 23.27 -13.62 19.53
C LEU A 160 24.39 -12.84 20.22
N GLU A 161 24.39 -12.82 21.55
CA GLU A 161 25.38 -12.07 22.31
C GLU A 161 26.73 -12.76 22.44
N GLY A 162 26.73 -14.08 22.36
CA GLY A 162 27.97 -14.82 22.49
C GLY A 162 28.38 -15.48 21.19
N THR A 163 28.13 -16.79 21.13
CA THR A 163 28.42 -17.62 19.98
C THR A 163 28.42 -16.89 18.65
N CYS A 164 27.33 -16.19 18.36
CA CYS A 164 27.23 -15.45 17.11
C CYS A 164 28.44 -14.54 16.99
N VAL A 165 28.46 -13.52 17.85
CA VAL A 165 29.55 -12.54 17.89
C VAL A 165 30.92 -13.21 17.90
N GLU A 166 31.14 -14.13 18.83
CA GLU A 166 32.39 -14.84 18.91
C GLU A 166 32.80 -15.31 17.53
N TRP A 167 31.91 -16.02 16.85
CA TRP A 167 32.25 -16.51 15.53
C TRP A 167 32.45 -15.39 14.54
N LEU A 168 31.71 -14.30 14.70
CA LEU A 168 31.90 -13.18 13.79
C LEU A 168 33.35 -12.73 13.85
N ARG A 169 33.85 -12.48 15.07
CA ARG A 169 35.23 -12.06 15.26
C ARG A 169 36.14 -13.07 14.59
N ARG A 170 35.84 -14.34 14.79
CA ARG A 170 36.66 -15.40 14.22
C ARG A 170 36.70 -15.38 12.70
N TYR A 171 35.55 -15.14 12.07
CA TYR A 171 35.49 -15.11 10.62
C TYR A 171 36.22 -13.88 10.08
N LEU A 172 35.91 -12.72 10.65
CA LEU A 172 36.56 -11.49 10.21
C LEU A 172 38.07 -11.66 10.20
N LYS A 173 38.64 -12.02 11.34
CA LYS A 173 40.08 -12.20 11.45
C LYS A 173 40.74 -12.84 10.23
N ASN A 174 40.02 -13.72 9.54
CA ASN A 174 40.61 -14.37 8.39
C ASN A 174 40.02 -13.90 7.07
N GLY A 175 39.19 -12.85 7.12
CA GLY A 175 38.59 -12.32 5.92
C GLY A 175 38.63 -10.80 5.76
N ASN A 176 39.05 -10.10 6.81
CA ASN A 176 39.12 -8.64 6.78
C ASN A 176 39.77 -8.15 5.52
N ALA A 177 41.01 -8.56 5.30
CA ALA A 177 41.73 -8.17 4.11
C ALA A 177 40.78 -8.21 2.91
N THR A 178 40.17 -9.37 2.69
CA THR A 178 39.25 -9.57 1.57
C THR A 178 37.98 -8.74 1.67
N LEU A 179 37.25 -8.85 2.78
CA LEU A 179 36.02 -8.09 2.93
C LEU A 179 36.16 -6.58 2.74
N LEU A 180 37.28 -6.01 3.19
CA LEU A 180 37.51 -4.57 3.06
C LEU A 180 37.93 -4.18 1.66
N ARG A 181 38.03 -5.15 0.75
CA ARG A 181 38.41 -4.88 -0.63
C ARG A 181 37.58 -3.71 -1.16
N THR A 182 38.07 -3.05 -2.22
CA THR A 182 37.36 -1.92 -2.77
C THR A 182 37.76 -1.71 -4.23
N ASP A 183 36.79 -1.65 -5.14
CA ASP A 183 37.09 -1.42 -6.56
C ASP A 183 36.37 -0.19 -7.05
N SER A 184 37.11 0.88 -7.27
CA SER A 184 36.51 2.13 -7.74
C SER A 184 35.85 2.01 -9.09
N PRO A 185 34.79 2.80 -9.31
CA PRO A 185 34.10 2.75 -10.59
C PRO A 185 34.82 3.58 -11.63
N LYS A 186 34.59 3.23 -12.90
CA LYS A 186 35.14 3.95 -14.03
C LYS A 186 33.90 4.41 -14.79
N ALA A 187 33.68 5.73 -14.80
CA ALA A 187 32.51 6.29 -15.44
C ALA A 187 32.76 6.95 -16.78
N HIS A 188 31.71 7.06 -17.59
CA HIS A 188 31.78 7.73 -18.88
C HIS A 188 30.37 8.11 -19.23
N VAL A 189 30.22 9.00 -20.20
CA VAL A 189 28.89 9.47 -20.59
C VAL A 189 28.56 9.10 -22.04
N THR A 190 27.37 8.55 -22.27
CA THR A 190 26.99 8.21 -23.65
C THR A 190 25.92 9.18 -24.15
N HIS A 191 25.80 9.31 -25.47
CA HIS A 191 24.86 10.23 -26.07
C HIS A 191 23.85 9.49 -26.95
N HIS A 192 22.57 9.80 -26.76
CA HIS A 192 21.49 9.16 -27.51
C HIS A 192 20.46 10.19 -27.91
N SER A 193 20.25 10.34 -29.22
CA SER A 193 19.29 11.33 -29.72
C SER A 193 17.85 10.87 -29.57
N ARG A 194 17.03 11.74 -28.99
CA ARG A 194 15.62 11.47 -28.74
C ARG A 194 14.67 12.14 -29.72
N PRO A 195 13.38 11.73 -29.71
CA PRO A 195 12.40 12.33 -30.62
C PRO A 195 12.37 13.83 -30.46
N GLU A 196 12.21 14.54 -31.57
CA GLU A 196 12.15 16.00 -31.54
C GLU A 196 13.58 16.53 -31.39
N ASP A 197 13.72 17.58 -30.59
CA ASP A 197 15.01 18.25 -30.35
C ASP A 197 15.72 17.91 -29.05
N LYS A 198 15.34 16.81 -28.41
CA LYS A 198 15.99 16.43 -27.16
C LYS A 198 17.12 15.43 -27.38
N VAL A 199 17.82 15.10 -26.30
CA VAL A 199 18.91 14.15 -26.32
C VAL A 199 19.04 13.53 -24.93
N THR A 200 19.55 12.30 -24.86
CA THR A 200 19.70 11.65 -23.57
C THR A 200 21.16 11.51 -23.22
N LEU A 201 21.47 11.81 -21.97
CA LEU A 201 22.83 11.73 -21.45
C LEU A 201 22.84 10.65 -20.39
N ARG A 202 23.39 9.49 -20.74
CA ARG A 202 23.44 8.38 -19.80
C ARG A 202 24.84 8.30 -19.24
N CYS A 203 24.92 8.35 -17.91
CA CYS A 203 26.18 8.30 -17.18
C CYS A 203 26.40 6.91 -16.67
N TRP A 204 27.52 6.32 -17.07
CA TRP A 204 27.85 4.95 -16.68
C TRP A 204 28.98 4.81 -15.66
N ALA A 205 28.75 3.93 -14.68
CA ALA A 205 29.74 3.63 -13.65
C ALA A 205 29.95 2.13 -13.77
N LEU A 206 31.18 1.70 -14.03
CA LEU A 206 31.45 0.27 -14.24
C LEU A 206 32.48 -0.42 -13.33
N GLY A 207 32.32 -1.74 -13.20
CA GLY A 207 33.24 -2.51 -12.41
C GLY A 207 33.59 -1.91 -11.07
N PHE A 208 32.57 -1.56 -10.29
CA PHE A 208 32.82 -1.00 -8.98
C PHE A 208 32.40 -1.98 -7.91
N TYR A 209 33.01 -1.87 -6.73
CA TYR A 209 32.68 -2.76 -5.62
C TYR A 209 33.07 -2.10 -4.29
N PRO A 210 32.23 -2.24 -3.25
CA PRO A 210 30.96 -2.97 -3.26
C PRO A 210 29.88 -2.29 -4.08
N ALA A 211 28.70 -2.92 -4.14
CA ALA A 211 27.57 -2.42 -4.93
C ALA A 211 27.10 -1.02 -4.57
N ASP A 212 27.21 -0.67 -3.30
CA ASP A 212 26.80 0.64 -2.83
C ASP A 212 27.39 1.71 -3.73
N ILE A 213 26.54 2.63 -4.20
CA ILE A 213 27.01 3.70 -5.08
C ILE A 213 25.89 4.71 -5.30
N THR A 214 26.25 5.93 -5.72
CA THR A 214 25.28 6.97 -6.00
C THR A 214 25.68 7.76 -7.21
N LEU A 215 24.73 8.06 -8.07
CA LEU A 215 25.03 8.84 -9.26
C LEU A 215 24.08 10.02 -9.32
N THR A 216 24.55 11.13 -9.86
CA THR A 216 23.68 12.29 -9.97
C THR A 216 23.98 13.06 -11.24
N TRP A 217 23.01 13.84 -11.66
CA TRP A 217 23.16 14.71 -12.82
C TRP A 217 22.87 16.10 -12.27
N GLN A 218 23.62 17.09 -12.73
CA GLN A 218 23.39 18.44 -12.24
C GLN A 218 23.26 19.40 -13.39
N LEU A 219 22.42 20.40 -13.21
CA LEU A 219 22.25 21.45 -14.20
C LEU A 219 22.82 22.71 -13.56
N ASN A 220 24.06 23.02 -13.94
CA ASN A 220 24.77 24.18 -13.41
C ASN A 220 24.82 24.09 -11.89
N GLY A 221 25.25 22.94 -11.38
CA GLY A 221 25.35 22.75 -9.95
C GLY A 221 24.06 22.62 -9.17
N GLU A 222 23.23 21.65 -9.53
CA GLU A 222 21.95 21.39 -8.84
C GLU A 222 21.51 19.97 -9.23
N GLU A 223 21.33 19.10 -8.24
CA GLU A 223 20.92 17.71 -8.50
C GLU A 223 19.54 17.53 -9.11
N LEU A 224 19.50 17.21 -10.40
CA LEU A 224 18.25 17.01 -11.12
C LEU A 224 17.61 15.68 -10.77
N ILE A 225 17.23 15.48 -9.52
CA ILE A 225 16.64 14.20 -9.14
C ILE A 225 15.16 14.01 -9.56
N GLN A 226 14.61 14.93 -10.34
CA GLN A 226 13.21 14.79 -10.77
C GLN A 226 12.98 14.06 -12.08
N ASP A 227 13.71 14.43 -13.13
CA ASP A 227 13.53 13.76 -14.41
C ASP A 227 14.70 12.88 -14.83
N MET A 228 15.41 12.40 -13.83
CA MET A 228 16.54 11.52 -14.06
C MET A 228 16.08 10.06 -13.94
N GLU A 229 16.32 9.31 -15.00
CA GLU A 229 15.97 7.90 -15.04
C GLU A 229 17.20 7.09 -14.65
N LEU A 230 17.02 6.04 -13.86
CA LEU A 230 18.16 5.22 -13.46
C LEU A 230 17.74 3.78 -13.21
N VAL A 231 18.69 2.87 -13.44
CA VAL A 231 18.45 1.45 -13.24
C VAL A 231 19.04 1.03 -11.91
N GLU A 232 18.56 -0.09 -11.39
CA GLU A 232 19.07 -0.57 -10.14
C GLU A 232 20.44 -1.15 -10.36
N THR A 233 21.30 -0.96 -9.38
CA THR A 233 22.66 -1.49 -9.44
C THR A 233 22.56 -2.97 -9.81
N ARG A 234 23.31 -3.37 -10.82
CA ARG A 234 23.26 -4.76 -11.25
C ARG A 234 24.66 -5.35 -11.35
N PRO A 235 24.78 -6.67 -11.12
CA PRO A 235 26.04 -7.40 -11.18
C PRO A 235 26.57 -7.64 -12.58
N ALA A 236 27.88 -7.49 -12.73
CA ALA A 236 28.53 -7.72 -14.03
C ALA A 236 28.68 -9.22 -14.24
N GLY A 237 28.89 -9.94 -13.14
CA GLY A 237 29.05 -11.37 -13.24
C GLY A 237 30.48 -11.77 -12.90
N ASP A 238 31.36 -10.79 -12.73
CA ASP A 238 32.76 -11.06 -12.38
C ASP A 238 33.08 -10.53 -10.99
N GLY A 239 32.04 -10.16 -10.25
CA GLY A 239 32.25 -9.65 -8.91
C GLY A 239 31.91 -8.19 -8.77
N THR A 240 32.09 -7.42 -9.84
CA THR A 240 31.79 -6.00 -9.76
C THR A 240 30.33 -5.69 -10.08
N PHE A 241 29.96 -4.41 -9.98
CA PHE A 241 28.59 -4.01 -10.24
C PHE A 241 28.52 -2.88 -11.24
N GLN A 242 27.32 -2.62 -11.74
CA GLN A 242 27.15 -1.58 -12.74
C GLN A 242 25.95 -0.73 -12.40
N LYS A 243 25.88 0.44 -13.00
CA LYS A 243 24.77 1.35 -12.81
C LYS A 243 24.90 2.57 -13.70
N TRP A 244 23.76 3.07 -14.18
CA TRP A 244 23.75 4.26 -15.00
C TRP A 244 22.56 5.13 -14.56
N ALA A 245 22.58 6.40 -14.95
CA ALA A 245 21.52 7.33 -14.62
C ALA A 245 21.51 8.23 -15.82
N SER A 246 20.34 8.69 -16.23
CA SER A 246 20.28 9.52 -17.41
C SER A 246 19.23 10.59 -17.30
N VAL A 247 19.40 11.64 -18.08
CA VAL A 247 18.46 12.72 -18.10
C VAL A 247 18.29 13.15 -19.54
N VAL A 248 17.19 13.84 -19.82
CA VAL A 248 16.93 14.30 -21.16
C VAL A 248 17.12 15.79 -21.13
N VAL A 249 18.09 16.26 -21.91
CA VAL A 249 18.40 17.68 -21.98
C VAL A 249 18.16 18.14 -23.41
N PRO A 250 18.10 19.47 -23.63
CA PRO A 250 17.88 20.04 -24.98
C PRO A 250 19.10 19.88 -25.87
N LEU A 251 18.85 19.71 -27.17
CA LEU A 251 19.94 19.55 -28.14
C LEU A 251 20.74 20.83 -28.19
N GLY A 252 22.02 20.76 -27.83
CA GLY A 252 22.85 21.95 -27.85
C GLY A 252 23.25 22.46 -26.49
N LYS A 253 22.53 22.04 -25.45
CA LYS A 253 22.81 22.47 -24.09
C LYS A 253 23.43 21.34 -23.28
N GLU A 254 24.11 20.43 -23.97
CA GLU A 254 24.72 19.29 -23.30
C GLU A 254 25.82 19.64 -22.31
N GLN A 255 26.56 20.71 -22.61
CA GLN A 255 27.64 21.10 -21.72
C GLN A 255 27.18 21.82 -20.47
N TYR A 256 25.86 22.03 -20.34
CA TYR A 256 25.34 22.69 -19.15
C TYR A 256 25.03 21.65 -18.09
N TYR A 257 25.33 20.39 -18.37
CA TYR A 257 25.06 19.33 -17.41
C TYR A 257 26.31 18.56 -17.10
N THR A 258 26.39 18.02 -15.90
CA THR A 258 27.56 17.24 -15.51
C THR A 258 27.13 16.11 -14.57
N CYS A 259 27.82 14.98 -14.66
CA CYS A 259 27.51 13.81 -13.84
C CYS A 259 28.44 13.75 -12.64
N HIS A 260 27.95 13.18 -11.54
CA HIS A 260 28.75 13.05 -10.34
C HIS A 260 28.63 11.62 -9.88
N VAL A 261 29.76 10.99 -9.60
CA VAL A 261 29.78 9.61 -9.15
C VAL A 261 30.36 9.48 -7.74
N TYR A 262 29.58 8.95 -6.81
CA TYR A 262 30.03 8.83 -5.43
C TYR A 262 30.20 7.39 -4.97
N HIS A 263 31.43 6.94 -4.82
CA HIS A 263 31.68 5.58 -4.38
C HIS A 263 32.74 5.58 -3.29
N GLN A 264 32.66 4.64 -2.36
CA GLN A 264 33.63 4.60 -1.27
C GLN A 264 35.04 4.27 -1.75
N GLY A 265 35.14 3.69 -2.94
CA GLY A 265 36.46 3.36 -3.44
C GLY A 265 37.20 4.60 -3.90
N LEU A 266 36.47 5.62 -4.31
CA LEU A 266 37.08 6.86 -4.81
C LEU A 266 37.70 7.81 -3.78
N PRO A 267 38.87 8.40 -4.13
CA PRO A 267 39.50 9.33 -3.20
C PRO A 267 38.62 10.56 -3.13
N GLU A 268 37.95 10.86 -4.24
CA GLU A 268 37.03 11.99 -4.31
C GLU A 268 36.01 11.77 -5.43
N PRO A 269 34.73 12.13 -5.18
CA PRO A 269 33.63 11.97 -6.14
C PRO A 269 34.08 12.21 -7.58
N LEU A 270 33.34 11.68 -8.55
CA LEU A 270 33.69 11.86 -9.94
C LEU A 270 32.84 12.94 -10.57
N THR A 271 33.39 13.60 -11.57
CA THR A 271 32.70 14.67 -12.30
C THR A 271 32.94 14.48 -13.80
N LEU A 272 31.89 14.25 -14.56
CA LEU A 272 32.06 14.06 -16.00
C LEU A 272 31.03 14.85 -16.76
N ARG A 273 31.21 14.93 -18.07
CA ARG A 273 30.29 15.62 -18.96
C ARG A 273 30.26 14.89 -20.29
N TRP A 274 29.34 15.30 -21.15
CA TRP A 274 29.24 14.71 -22.47
C TRP A 274 30.59 15.05 -23.12
N GLU A 275 31.24 14.06 -23.70
CA GLU A 275 32.53 14.26 -24.35
C GLU A 275 32.50 13.86 -25.82
N PRO A 276 32.01 14.75 -26.70
CA PRO A 276 31.98 14.40 -28.12
C PRO A 276 33.42 14.24 -28.59
N PRO A 277 33.73 13.11 -29.27
CA PRO A 277 35.07 12.82 -29.77
C PRO A 277 35.81 13.97 -30.43
N PRO A 278 37.03 14.26 -29.95
CA PRO A 278 37.85 15.36 -30.50
C PRO A 278 38.27 15.03 -31.92
N MET B 1 -1.31 -17.65 -0.01
CA MET B 1 -0.13 -17.47 -0.91
C MET B 1 0.18 -15.99 -1.20
N ILE B 2 1.33 -15.77 -1.84
CA ILE B 2 1.78 -14.44 -2.22
C ILE B 2 2.65 -14.62 -3.45
N GLN B 3 2.69 -13.60 -4.30
CA GLN B 3 3.48 -13.67 -5.52
C GLN B 3 4.08 -12.33 -5.92
N LYS B 4 5.40 -12.28 -6.03
CA LYS B 4 6.08 -11.06 -6.41
C LYS B 4 6.58 -11.16 -7.84
N THR B 5 6.12 -10.24 -8.68
CA THR B 5 6.51 -10.21 -10.10
C THR B 5 7.99 -9.88 -10.30
N PRO B 6 8.74 -10.82 -10.89
CA PRO B 6 10.16 -10.61 -11.13
C PRO B 6 10.47 -9.37 -11.94
N GLN B 7 11.57 -8.69 -11.60
CA GLN B 7 11.99 -7.51 -12.34
C GLN B 7 13.14 -8.04 -13.17
N ILE B 8 13.17 -7.70 -14.46
CA ILE B 8 14.22 -8.24 -15.31
C ILE B 8 15.09 -7.24 -16.03
N GLN B 9 16.39 -7.37 -15.85
CA GLN B 9 17.32 -6.51 -16.56
C GLN B 9 18.11 -7.38 -17.53
N VAL B 10 18.45 -6.83 -18.69
CA VAL B 10 19.22 -7.56 -19.71
C VAL B 10 20.38 -6.66 -20.16
N TYR B 11 21.60 -7.11 -19.90
CA TYR B 11 22.77 -6.30 -20.22
C TYR B 11 24.06 -7.11 -20.39
N SER B 12 25.05 -6.53 -21.05
CA SER B 12 26.33 -7.19 -21.26
C SER B 12 27.34 -6.90 -20.12
N ARG B 13 28.29 -7.80 -19.95
CA ARG B 13 29.31 -7.65 -18.91
C ARG B 13 30.31 -6.54 -19.24
N HIS B 14 30.49 -6.28 -20.53
CA HIS B 14 31.40 -5.27 -21.00
C HIS B 14 30.63 -4.43 -22.02
N PRO B 15 31.05 -3.18 -22.27
CA PRO B 15 30.31 -2.37 -23.25
C PRO B 15 30.17 -3.08 -24.58
N PRO B 16 28.95 -3.20 -25.09
CA PRO B 16 28.75 -3.87 -26.37
C PRO B 16 29.59 -3.27 -27.48
N GLU B 17 30.21 -4.15 -28.26
CA GLU B 17 31.07 -3.73 -29.36
C GLU B 17 30.92 -4.79 -30.43
N ASN B 18 30.40 -4.40 -31.60
CA ASN B 18 30.20 -5.35 -32.70
C ASN B 18 31.41 -6.21 -33.11
N GLY B 19 31.20 -7.51 -33.09
CA GLY B 19 32.25 -8.44 -33.48
C GLY B 19 33.19 -8.89 -32.39
N LYS B 20 32.95 -8.46 -31.16
CA LYS B 20 33.83 -8.86 -30.06
C LYS B 20 33.10 -9.65 -28.98
N PRO B 21 33.63 -10.82 -28.62
CA PRO B 21 33.05 -11.69 -27.60
C PRO B 21 32.66 -10.92 -26.34
N ASN B 22 31.57 -11.33 -25.72
CA ASN B 22 31.10 -10.66 -24.51
C ASN B 22 30.32 -11.65 -23.66
N ILE B 23 29.55 -11.12 -22.72
CA ILE B 23 28.72 -11.93 -21.86
C ILE B 23 27.44 -11.18 -21.59
N LEU B 24 26.33 -11.77 -22.02
CA LEU B 24 25.02 -11.17 -21.85
C LEU B 24 24.39 -11.66 -20.57
N ASN B 25 23.91 -10.74 -19.75
CA ASN B 25 23.29 -11.10 -18.48
C ASN B 25 21.78 -10.90 -18.46
N CYS B 26 21.12 -11.67 -17.61
CA CYS B 26 19.69 -11.54 -17.40
C CYS B 26 19.54 -11.57 -15.90
N TYR B 27 19.30 -10.40 -15.33
CA TYR B 27 19.16 -10.27 -13.89
C TYR B 27 17.69 -10.30 -13.52
N VAL B 28 17.30 -11.30 -12.75
CA VAL B 28 15.91 -11.41 -12.34
C VAL B 28 15.86 -11.33 -10.82
N THR B 29 15.06 -10.39 -10.32
CA THR B 29 14.96 -10.19 -8.88
C THR B 29 13.54 -9.90 -8.46
N GLN B 30 13.35 -9.76 -7.15
CA GLN B 30 12.05 -9.45 -6.61
C GLN B 30 10.98 -10.50 -6.92
N PHE B 31 11.34 -11.78 -7.00
CA PHE B 31 10.32 -12.78 -7.26
C PHE B 31 10.09 -13.77 -6.13
N HIS B 32 8.85 -14.23 -6.03
CA HIS B 32 8.48 -15.18 -4.99
C HIS B 32 7.20 -15.82 -5.46
N PRO B 33 7.10 -17.15 -5.42
CA PRO B 33 8.04 -18.19 -4.98
C PRO B 33 9.31 -18.35 -5.81
N PRO B 34 10.31 -19.08 -5.28
CA PRO B 34 11.60 -19.33 -5.91
C PRO B 34 11.63 -20.11 -7.23
N HIS B 35 10.63 -20.94 -7.49
CA HIS B 35 10.62 -21.68 -8.74
C HIS B 35 10.44 -20.67 -9.85
N ILE B 36 11.34 -20.67 -10.82
CA ILE B 36 11.27 -19.73 -11.92
C ILE B 36 11.98 -20.32 -13.12
N GLU B 37 11.49 -20.04 -14.32
CA GLU B 37 12.11 -20.56 -15.54
C GLU B 37 12.66 -19.37 -16.36
N ILE B 38 13.96 -19.35 -16.55
CA ILE B 38 14.59 -18.27 -17.29
C ILE B 38 15.18 -18.78 -18.59
N GLN B 39 14.79 -18.19 -19.72
CA GLN B 39 15.30 -18.59 -21.03
C GLN B 39 15.95 -17.40 -21.72
N MET B 40 17.11 -17.61 -22.31
CA MET B 40 17.75 -16.52 -23.04
C MET B 40 17.65 -16.89 -24.52
N LEU B 41 17.16 -15.94 -25.32
CA LEU B 41 16.93 -16.15 -26.75
C LEU B 41 17.79 -15.29 -27.69
N LYS B 42 17.94 -15.76 -28.93
CA LYS B 42 18.71 -15.04 -29.95
C LYS B 42 17.94 -15.07 -31.27
N ASN B 43 17.37 -13.92 -31.63
CA ASN B 43 16.57 -13.78 -32.84
C ASN B 43 15.41 -14.75 -32.74
N GLY B 44 14.88 -14.88 -31.53
CA GLY B 44 13.76 -15.76 -31.28
C GLY B 44 14.09 -17.20 -30.89
N LYS B 45 15.23 -17.69 -31.31
CA LYS B 45 15.62 -19.07 -31.04
C LYS B 45 16.42 -19.31 -29.76
N LYS B 46 15.81 -20.07 -28.86
CA LYS B 46 16.40 -20.39 -27.56
C LYS B 46 17.90 -20.68 -27.63
N ILE B 47 18.63 -20.10 -26.68
CA ILE B 47 20.07 -20.30 -26.59
C ILE B 47 20.28 -21.48 -25.64
N PRO B 48 21.14 -22.42 -26.03
CA PRO B 48 21.43 -23.60 -25.22
C PRO B 48 22.27 -23.34 -23.97
N LYS B 49 23.59 -23.17 -24.16
CA LYS B 49 24.48 -22.91 -23.04
C LYS B 49 24.15 -21.61 -22.31
N VAL B 50 23.31 -21.75 -21.28
CA VAL B 50 22.87 -20.63 -20.47
C VAL B 50 23.17 -20.92 -19.00
N GLU B 51 24.26 -20.37 -18.51
CA GLU B 51 24.65 -20.59 -17.11
C GLU B 51 23.80 -19.77 -16.15
N MET B 52 23.43 -20.38 -15.04
CA MET B 52 22.62 -19.72 -14.04
C MET B 52 23.30 -19.65 -12.68
N SER B 53 23.32 -18.46 -12.07
CA SER B 53 23.96 -18.32 -10.77
C SER B 53 23.11 -19.02 -9.71
N ASP B 54 23.72 -19.35 -8.57
CA ASP B 54 22.99 -19.98 -7.47
C ASP B 54 21.87 -19.02 -7.11
N MET B 55 20.84 -19.47 -6.41
CA MET B 55 19.78 -18.54 -6.09
C MET B 55 19.97 -18.00 -4.69
N SER B 56 19.49 -16.77 -4.47
CA SER B 56 19.61 -16.12 -3.17
C SER B 56 18.39 -15.24 -2.95
N PHE B 57 18.18 -14.80 -1.72
CA PHE B 57 17.05 -13.93 -1.45
C PHE B 57 17.50 -12.79 -0.54
N SER B 58 16.95 -11.61 -0.80
CA SER B 58 17.29 -10.42 -0.02
C SER B 58 16.44 -10.17 1.23
N LYS B 59 16.81 -9.15 1.98
CA LYS B 59 16.10 -8.80 3.21
C LYS B 59 14.58 -8.88 3.16
N ASP B 60 13.99 -8.61 2.00
CA ASP B 60 12.53 -8.66 1.89
C ASP B 60 11.96 -10.00 1.46
N TRP B 61 12.70 -11.07 1.69
CA TRP B 61 12.26 -12.43 1.36
C TRP B 61 12.25 -12.79 -0.13
N SER B 62 12.18 -11.82 -1.01
CA SER B 62 12.15 -12.14 -2.44
C SER B 62 13.50 -12.69 -2.97
N PHE B 63 13.42 -13.49 -4.03
CA PHE B 63 14.59 -14.12 -4.62
C PHE B 63 15.17 -13.43 -5.83
N TYR B 64 16.46 -13.66 -6.05
CA TYR B 64 17.14 -13.09 -7.20
C TYR B 64 18.15 -14.10 -7.69
N ILE B 65 18.42 -14.03 -9.00
CA ILE B 65 19.35 -14.94 -9.64
C ILE B 65 19.84 -14.29 -10.93
N LEU B 66 21.05 -14.65 -11.35
CA LEU B 66 21.62 -14.09 -12.57
C LEU B 66 21.95 -15.21 -13.56
N ALA B 67 21.41 -15.07 -14.77
CA ALA B 67 21.62 -16.03 -15.83
C ALA B 67 22.47 -15.34 -16.87
N HIS B 68 23.46 -16.05 -17.41
CA HIS B 68 24.33 -15.43 -18.40
C HIS B 68 24.83 -16.42 -19.44
N THR B 69 25.19 -15.89 -20.60
CA THR B 69 25.66 -16.71 -21.71
C THR B 69 26.71 -15.88 -22.44
N GLU B 70 27.57 -16.53 -23.21
CA GLU B 70 28.56 -15.80 -23.97
C GLU B 70 27.83 -15.42 -25.24
N PHE B 71 28.39 -14.46 -25.98
CA PHE B 71 27.79 -14.02 -27.23
C PHE B 71 28.64 -12.91 -27.82
N THR B 72 28.65 -12.83 -29.14
CA THR B 72 29.37 -11.78 -29.82
C THR B 72 28.31 -11.01 -30.55
N PRO B 73 27.87 -9.88 -29.98
CA PRO B 73 26.83 -9.05 -30.58
C PRO B 73 27.24 -8.61 -31.97
N THR B 74 26.26 -8.18 -32.75
CA THR B 74 26.53 -7.69 -34.09
C THR B 74 25.51 -6.59 -34.28
N GLU B 75 25.63 -5.87 -35.38
CA GLU B 75 24.75 -4.76 -35.66
C GLU B 75 23.26 -5.09 -35.71
N THR B 76 22.92 -6.28 -36.20
CA THR B 76 21.50 -6.65 -36.35
C THR B 76 20.93 -7.82 -35.53
N ASP B 77 21.78 -8.56 -34.82
CA ASP B 77 21.24 -9.65 -34.03
C ASP B 77 20.38 -9.11 -32.90
N THR B 78 19.37 -9.87 -32.52
CA THR B 78 18.47 -9.47 -31.45
C THR B 78 18.58 -10.48 -30.33
N TYR B 79 18.65 -10.02 -29.09
CA TYR B 79 18.69 -10.91 -27.93
C TYR B 79 17.58 -10.50 -26.96
N ALA B 80 17.18 -11.42 -26.11
CA ALA B 80 16.13 -11.15 -25.16
C ALA B 80 16.21 -12.22 -24.11
N CYS B 81 15.61 -11.93 -22.97
CA CYS B 81 15.57 -12.90 -21.89
C CYS B 81 14.10 -13.14 -21.57
N ARG B 82 13.73 -14.41 -21.46
CA ARG B 82 12.34 -14.76 -21.16
C ARG B 82 12.21 -15.45 -19.83
N VAL B 83 11.25 -14.99 -19.05
CA VAL B 83 11.02 -15.53 -17.73
C VAL B 83 9.58 -15.93 -17.55
N LYS B 84 9.35 -17.15 -17.04
CA LYS B 84 8.01 -17.62 -16.78
C LYS B 84 7.95 -17.78 -15.27
N HIS B 85 7.04 -17.07 -14.63
CA HIS B 85 6.92 -17.16 -13.18
C HIS B 85 5.46 -17.17 -12.78
N ASP B 86 5.16 -18.00 -11.79
CA ASP B 86 3.82 -18.19 -11.28
C ASP B 86 3.07 -16.89 -10.95
N SER B 87 3.82 -15.80 -10.82
CA SER B 87 3.24 -14.50 -10.51
C SER B 87 2.63 -13.83 -11.75
N MET B 88 2.93 -14.37 -12.93
CA MET B 88 2.44 -13.79 -14.17
C MET B 88 1.66 -14.80 -15.02
N ALA B 89 0.62 -14.33 -15.70
CA ALA B 89 -0.18 -15.19 -16.55
C ALA B 89 0.69 -15.77 -17.65
N GLU B 90 1.25 -14.88 -18.47
CA GLU B 90 2.11 -15.28 -19.57
C GLU B 90 3.57 -14.98 -19.25
N PRO B 91 4.51 -15.65 -19.95
CA PRO B 91 5.93 -15.40 -19.69
C PRO B 91 6.29 -13.97 -20.06
N LYS B 92 7.31 -13.42 -19.42
CA LYS B 92 7.74 -12.05 -19.72
C LYS B 92 9.05 -12.07 -20.50
N THR B 93 9.09 -11.33 -21.60
CA THR B 93 10.28 -11.24 -22.43
C THR B 93 10.79 -9.81 -22.37
N VAL B 94 12.09 -9.67 -22.10
CA VAL B 94 12.71 -8.36 -22.03
C VAL B 94 13.77 -8.39 -23.10
N TYR B 95 13.75 -7.40 -23.98
CA TYR B 95 14.71 -7.35 -25.06
C TYR B 95 15.94 -6.57 -24.69
N TRP B 96 17.07 -6.97 -25.24
CA TRP B 96 18.33 -6.32 -24.95
C TRP B 96 18.45 -5.02 -25.68
N ASP B 97 18.81 -3.98 -24.93
CA ASP B 97 19.01 -2.67 -25.52
C ASP B 97 20.50 -2.37 -25.30
N ARG B 98 21.22 -2.08 -26.37
CA ARG B 98 22.65 -1.78 -26.30
C ARG B 98 22.99 -0.59 -25.38
N ASP B 99 22.15 0.42 -25.42
CA ASP B 99 22.35 1.62 -24.64
C ASP B 99 21.71 1.54 -23.28
N MET B 100 21.79 0.36 -22.67
CA MET B 100 21.21 0.15 -21.35
C MET B 100 21.77 -1.12 -20.77
N SER C 1 29.33 -19.61 12.99
CA SER C 1 28.52 -20.85 12.96
C SER C 1 27.07 -20.51 13.30
N GLU C 2 26.21 -21.18 12.56
CA GLU C 2 24.76 -20.97 12.72
C GLU C 2 24.24 -21.56 14.01
N ILE C 3 22.97 -21.27 14.29
CA ILE C 3 22.31 -21.76 15.48
C ILE C 3 21.37 -22.88 15.10
N GLU C 4 20.93 -23.63 16.10
CA GLU C 4 19.98 -24.73 15.91
C GLU C 4 18.60 -24.10 16.06
N PHE C 5 17.76 -24.23 15.02
CA PHE C 5 16.43 -23.63 15.07
C PHE C 5 15.38 -24.46 15.80
N ALA C 6 14.51 -23.77 16.53
CA ALA C 6 13.43 -24.41 17.28
C ALA C 6 12.32 -24.71 16.29
N ARG C 7 11.22 -25.28 16.75
CA ARG C 7 10.15 -25.59 15.82
C ARG C 7 8.93 -24.70 15.96
N LEU C 8 8.28 -24.42 14.83
CA LEU C 8 7.09 -23.58 14.83
C LEU C 8 5.92 -24.27 15.50
N GLY D 1 -5.96 20.56 17.80
CA GLY D 1 -7.45 20.70 17.81
C GLY D 1 -8.09 19.47 18.45
N PRO D 2 -9.40 19.23 18.21
CA PRO D 2 -10.05 18.06 18.81
C PRO D 2 -9.91 16.82 17.90
N HIS D 3 -10.38 15.67 18.38
CA HIS D 3 -10.30 14.44 17.61
C HIS D 3 -11.44 13.50 17.97
N SER D 4 -11.82 12.62 17.04
CA SER D 4 -12.91 11.70 17.31
C SER D 4 -12.78 10.27 16.78
N LEU D 5 -13.21 9.33 17.62
CA LEU D 5 -13.23 7.91 17.31
C LEU D 5 -14.67 7.47 17.47
N ARG D 6 -15.37 7.30 16.35
CA ARG D 6 -16.76 6.90 16.39
C ARG D 6 -17.03 5.86 15.32
N TYR D 7 -17.80 4.84 15.67
CA TYR D 7 -18.15 3.77 14.75
C TYR D 7 -19.54 3.94 14.13
N PHE D 8 -19.62 3.80 12.82
CA PHE D 8 -20.89 3.92 12.11
C PHE D 8 -21.32 2.51 11.71
N VAL D 9 -22.30 1.97 12.43
CA VAL D 9 -22.77 0.62 12.19
C VAL D 9 -24.17 0.51 11.55
N THR D 10 -24.35 -0.48 10.68
CA THR D 10 -25.62 -0.69 9.98
C THR D 10 -25.99 -2.16 9.82
N ALA D 11 -27.28 -2.45 9.92
CA ALA D 11 -27.78 -3.81 9.74
C ALA D 11 -29.09 -3.66 9.00
N VAL D 12 -29.18 -4.30 7.84
CA VAL D 12 -30.37 -4.26 6.99
C VAL D 12 -31.02 -5.62 6.84
N SER D 13 -32.23 -5.79 7.36
CA SER D 13 -32.91 -7.07 7.22
C SER D 13 -33.28 -7.24 5.75
N ARG D 14 -33.33 -8.49 5.31
CA ARG D 14 -33.67 -8.80 3.93
C ARG D 14 -34.50 -10.08 3.86
N PRO D 15 -35.75 -10.03 4.38
CA PRO D 15 -36.63 -11.20 4.40
C PRO D 15 -36.55 -12.03 3.12
N GLY D 16 -36.16 -13.29 3.29
CA GLY D 16 -36.01 -14.19 2.15
C GLY D 16 -34.60 -14.17 1.59
N LEU D 17 -34.18 -13.02 1.06
CA LEU D 17 -32.87 -12.81 0.47
C LEU D 17 -31.66 -13.21 1.32
N GLY D 18 -31.89 -13.68 2.54
CA GLY D 18 -30.79 -14.09 3.39
C GLY D 18 -30.72 -13.41 4.75
N GLU D 19 -29.59 -13.58 5.44
CA GLU D 19 -29.39 -12.95 6.75
C GLU D 19 -29.15 -11.46 6.55
N PRO D 20 -29.46 -10.64 7.56
CA PRO D 20 -29.28 -9.19 7.48
C PRO D 20 -27.85 -8.77 7.13
N ARG D 21 -27.73 -7.85 6.19
CA ARG D 21 -26.43 -7.33 5.77
C ARG D 21 -25.94 -6.44 6.90
N PHE D 22 -24.86 -6.81 7.56
CA PHE D 22 -24.32 -6.02 8.67
C PHE D 22 -22.99 -5.38 8.25
N ILE D 23 -22.79 -4.12 8.63
CA ILE D 23 -21.57 -3.40 8.27
C ILE D 23 -21.11 -2.42 9.35
N SER D 24 -19.90 -2.60 9.87
CA SER D 24 -19.40 -1.68 10.87
C SER D 24 -18.12 -0.97 10.41
N VAL D 25 -18.23 0.35 10.27
CA VAL D 25 -17.14 1.22 9.81
C VAL D 25 -16.61 2.13 10.91
N GLY D 26 -15.30 2.11 11.11
CA GLY D 26 -14.69 2.94 12.13
C GLY D 26 -14.07 4.19 11.54
N TYR D 27 -14.24 5.32 12.22
CA TYR D 27 -13.71 6.59 11.75
C TYR D 27 -12.86 7.33 12.77
N VAL D 28 -11.69 7.81 12.34
CA VAL D 28 -10.84 8.63 13.21
C VAL D 28 -10.87 9.99 12.50
N ASP D 29 -11.32 11.02 13.21
CA ASP D 29 -11.45 12.35 12.61
C ASP D 29 -12.09 12.23 11.24
N ASN D 30 -13.29 11.65 11.18
CA ASN D 30 -13.96 11.53 9.90
C ASN D 30 -13.05 10.94 8.81
N THR D 31 -12.46 9.77 9.11
CA THR D 31 -11.60 9.08 8.17
C THR D 31 -11.61 7.59 8.48
N GLU D 32 -12.23 6.81 7.60
CA GLU D 32 -12.36 5.37 7.77
C GLU D 32 -11.01 4.68 8.02
N PHE D 33 -10.86 4.03 9.17
CA PHE D 33 -9.60 3.33 9.43
C PHE D 33 -9.79 1.81 9.58
N VAL D 34 -11.03 1.37 9.77
CA VAL D 34 -11.34 -0.06 9.89
C VAL D 34 -12.75 -0.31 9.37
N ARG D 35 -13.00 -1.52 8.88
CA ARG D 35 -14.32 -1.86 8.33
C ARG D 35 -14.58 -3.36 8.32
N PHE D 36 -15.81 -3.73 8.67
CA PHE D 36 -16.26 -5.12 8.71
C PHE D 36 -17.50 -5.22 7.85
N ASP D 37 -17.69 -6.35 7.18
CA ASP D 37 -18.86 -6.55 6.36
C ASP D 37 -19.29 -8.00 6.37
N SER D 38 -20.47 -8.27 6.92
CA SER D 38 -20.99 -9.62 7.01
C SER D 38 -21.10 -10.25 5.64
N ASP D 39 -21.11 -9.41 4.61
CA ASP D 39 -21.24 -9.90 3.26
C ASP D 39 -19.91 -10.41 2.70
N ALA D 40 -19.06 -10.90 3.59
CA ALA D 40 -17.75 -11.40 3.21
C ALA D 40 -17.64 -12.91 3.30
N GLU D 41 -16.87 -13.48 2.37
CA GLU D 41 -16.61 -14.92 2.31
C GLU D 41 -16.45 -15.35 3.76
N ASN D 42 -15.63 -14.60 4.47
CA ASN D 42 -15.37 -14.81 5.88
C ASN D 42 -15.24 -13.39 6.37
N PRO D 43 -16.27 -12.88 7.07
CA PRO D 43 -16.27 -11.52 7.61
C PRO D 43 -15.29 -11.31 8.76
N ARG D 44 -14.57 -10.20 8.68
CA ARG D 44 -13.59 -9.82 9.68
C ARG D 44 -13.17 -8.37 9.43
N TYR D 45 -12.66 -7.73 10.46
CA TYR D 45 -12.22 -6.35 10.34
C TYR D 45 -10.97 -6.22 9.49
N GLU D 46 -11.00 -5.29 8.54
CA GLU D 46 -9.87 -5.03 7.66
C GLU D 46 -9.41 -3.58 7.81
N PRO D 47 -8.08 -3.35 7.89
CA PRO D 47 -7.64 -1.96 8.03
C PRO D 47 -8.01 -1.19 6.77
N ARG D 48 -8.50 0.02 6.94
CA ARG D 48 -8.89 0.83 5.78
C ARG D 48 -7.94 2.00 5.59
N ALA D 49 -6.81 1.94 6.30
CA ALA D 49 -5.77 2.94 6.25
C ALA D 49 -4.46 2.20 6.46
N ARG D 50 -3.43 2.54 5.71
CA ARG D 50 -2.15 1.86 5.85
C ARG D 50 -1.66 1.86 7.29
N TRP D 51 -1.83 2.97 7.99
CA TRP D 51 -1.35 3.01 9.36
C TRP D 51 -1.95 2.02 10.33
N MET D 52 -3.08 1.40 10.00
CA MET D 52 -3.67 0.44 10.92
C MET D 52 -2.98 -0.90 10.78
N GLU D 53 -2.28 -1.08 9.66
CA GLU D 53 -1.58 -2.33 9.40
C GLU D 53 -0.57 -2.75 10.46
N GLN D 54 -0.22 -1.84 11.36
CA GLN D 54 0.71 -2.14 12.43
C GLN D 54 0.06 -3.01 13.49
N GLU D 55 -1.24 -2.81 13.73
CA GLU D 55 -1.95 -3.58 14.75
C GLU D 55 -1.73 -5.06 14.52
N GLY D 56 -1.62 -5.82 15.60
CA GLY D 56 -1.37 -7.24 15.47
C GLY D 56 -2.54 -8.21 15.54
N PRO D 57 -2.26 -9.49 15.27
CA PRO D 57 -3.26 -10.56 15.30
C PRO D 57 -4.29 -10.50 16.44
N GLU D 58 -3.88 -10.11 17.63
CA GLU D 58 -4.81 -10.04 18.76
C GLU D 58 -5.83 -8.94 18.52
N TYR D 59 -5.37 -7.80 18.04
CA TYR D 59 -6.27 -6.69 17.80
C TYR D 59 -7.44 -7.10 16.91
N TRP D 60 -7.11 -7.43 15.67
CA TRP D 60 -8.10 -7.83 14.67
C TRP D 60 -9.00 -8.99 15.10
N GLU D 61 -8.44 -9.96 15.79
CA GLU D 61 -9.22 -11.10 16.23
C GLU D 61 -10.23 -10.64 17.26
N ARG D 62 -9.73 -9.93 18.27
CA ARG D 62 -10.55 -9.42 19.35
C ARG D 62 -11.63 -8.50 18.80
N GLU D 63 -11.24 -7.60 17.90
CA GLU D 63 -12.18 -6.66 17.31
C GLU D 63 -13.18 -7.35 16.39
N THR D 64 -12.71 -8.28 15.56
CA THR D 64 -13.57 -9.00 14.65
C THR D 64 -14.67 -9.72 15.43
N GLN D 65 -14.27 -10.54 16.41
CA GLN D 65 -15.23 -11.26 17.22
C GLN D 65 -16.21 -10.30 17.84
N LYS D 66 -15.68 -9.22 18.36
CA LYS D 66 -16.50 -8.21 19.00
C LYS D 66 -17.57 -7.75 17.99
N ALA D 67 -17.17 -7.59 16.73
CA ALA D 67 -18.07 -7.15 15.66
C ALA D 67 -19.15 -8.17 15.36
N LYS D 68 -18.74 -9.44 15.27
CA LYS D 68 -19.69 -10.50 14.98
C LYS D 68 -20.69 -10.58 16.13
N GLY D 69 -20.27 -10.10 17.29
CA GLY D 69 -21.13 -10.11 18.46
C GLY D 69 -22.21 -9.04 18.36
N ASN D 70 -21.86 -7.88 17.82
CA ASN D 70 -22.82 -6.82 17.67
C ASN D 70 -23.76 -7.17 16.52
N GLU D 71 -23.24 -7.92 15.55
CA GLU D 71 -24.02 -8.32 14.39
C GLU D 71 -25.24 -9.10 14.88
N GLN D 72 -24.97 -10.13 15.67
CA GLN D 72 -26.05 -10.93 16.22
C GLN D 72 -27.00 -10.01 16.98
N SER D 73 -26.45 -9.19 17.86
CA SER D 73 -27.28 -8.28 18.63
C SER D 73 -28.19 -7.43 17.77
N PHE D 74 -27.78 -7.16 16.54
CA PHE D 74 -28.66 -6.37 15.67
C PHE D 74 -29.72 -7.26 15.05
N ARG D 75 -29.34 -8.51 14.80
CA ARG D 75 -30.28 -9.48 14.25
C ARG D 75 -31.46 -9.52 15.21
N VAL D 76 -31.14 -9.58 16.49
CA VAL D 76 -32.12 -9.61 17.55
C VAL D 76 -32.86 -8.28 17.66
N ASP D 77 -32.14 -7.17 17.59
CA ASP D 77 -32.78 -5.86 17.67
C ASP D 77 -33.81 -5.70 16.57
N LEU D 78 -33.45 -6.12 15.36
CA LEU D 78 -34.34 -6.02 14.22
C LEU D 78 -35.66 -6.71 14.48
N ARG D 79 -35.61 -7.93 15.01
CA ARG D 79 -36.83 -8.64 15.32
C ARG D 79 -37.58 -7.93 16.44
N THR D 80 -36.84 -7.51 17.46
CA THR D 80 -37.44 -6.82 18.60
C THR D 80 -38.31 -5.63 18.17
N LEU D 81 -37.77 -4.81 17.26
CA LEU D 81 -38.49 -3.63 16.79
C LEU D 81 -39.74 -3.95 15.98
N LEU D 82 -39.69 -5.05 15.22
CA LEU D 82 -40.85 -5.45 14.45
C LEU D 82 -41.93 -5.73 15.48
N GLY D 83 -41.49 -6.01 16.71
CA GLY D 83 -42.42 -6.27 17.78
C GLY D 83 -42.99 -4.96 18.28
N TYR D 84 -42.10 -4.04 18.66
CA TYR D 84 -42.50 -2.73 19.17
C TYR D 84 -43.47 -1.98 18.24
N TYR D 85 -43.31 -2.21 16.94
CA TYR D 85 -44.12 -1.55 15.92
C TYR D 85 -45.22 -2.37 15.28
N ASN D 86 -45.34 -3.63 15.64
CA ASN D 86 -46.37 -4.46 15.00
C ASN D 86 -46.23 -4.41 13.47
N GLN D 87 -45.08 -4.83 12.96
CA GLN D 87 -44.83 -4.82 11.52
C GLN D 87 -44.67 -6.24 10.97
N SER D 88 -45.05 -6.43 9.71
CA SER D 88 -44.95 -7.74 9.06
C SER D 88 -43.55 -8.32 9.16
N LYS D 89 -43.43 -9.64 9.30
CA LYS D 89 -42.11 -10.25 9.39
C LYS D 89 -41.46 -10.35 8.01
N GLY D 90 -42.12 -9.79 7.00
CA GLY D 90 -41.60 -9.88 5.65
C GLY D 90 -41.11 -8.60 4.99
N GLY D 91 -40.96 -7.52 5.76
CA GLY D 91 -40.50 -6.27 5.20
C GLY D 91 -39.06 -5.97 5.58
N SER D 92 -38.35 -5.20 4.76
CA SER D 92 -36.97 -4.85 5.05
C SER D 92 -36.92 -3.61 5.95
N HIS D 93 -36.05 -3.67 6.95
CA HIS D 93 -35.90 -2.57 7.90
C HIS D 93 -34.45 -2.31 8.24
N THR D 94 -34.11 -1.04 8.43
CA THR D 94 -32.73 -0.69 8.75
C THR D 94 -32.57 -0.24 10.19
N ILE D 95 -31.45 -0.61 10.78
CA ILE D 95 -31.12 -0.22 12.14
C ILE D 95 -29.71 0.35 12.03
N GLN D 96 -29.55 1.60 12.41
CA GLN D 96 -28.26 2.27 12.35
C GLN D 96 -27.80 2.73 13.71
N VAL D 97 -26.50 2.91 13.85
CA VAL D 97 -25.95 3.35 15.10
C VAL D 97 -24.73 4.21 14.89
N ILE D 98 -24.60 5.20 15.76
CA ILE D 98 -23.44 6.07 15.73
C ILE D 98 -22.95 6.07 17.16
N SER D 99 -21.84 5.37 17.37
CA SER D 99 -21.21 5.23 18.67
C SER D 99 -19.90 5.95 18.55
N GLY D 100 -19.47 6.59 19.62
CA GLY D 100 -18.20 7.32 19.55
C GLY D 100 -17.91 8.36 20.61
N CYS D 101 -16.75 8.97 20.51
CA CYS D 101 -16.30 9.99 21.46
C CYS D 101 -15.45 11.08 20.80
N GLU D 102 -15.70 12.34 21.16
CA GLU D 102 -14.96 13.47 20.62
C GLU D 102 -14.17 14.12 21.76
N VAL D 103 -12.84 14.15 21.63
CA VAL D 103 -12.00 14.72 22.68
C VAL D 103 -11.37 16.04 22.30
N GLY D 104 -11.22 16.92 23.29
CA GLY D 104 -10.61 18.21 23.02
C GLY D 104 -9.10 18.11 23.02
N SER D 105 -8.45 19.20 22.61
CA SER D 105 -7.00 19.29 22.55
C SER D 105 -6.32 18.96 23.89
N ASP D 106 -7.09 19.00 24.97
CA ASP D 106 -6.54 18.69 26.28
C ASP D 106 -6.61 17.21 26.65
N GLY D 107 -7.22 16.41 25.77
CA GLY D 107 -7.36 14.98 26.03
C GLY D 107 -8.61 14.64 26.80
N ARG D 108 -9.42 15.66 27.10
CA ARG D 108 -10.68 15.51 27.82
C ARG D 108 -11.79 15.23 26.83
N LEU D 109 -12.88 14.67 27.32
CA LEU D 109 -14.02 14.36 26.44
C LEU D 109 -14.85 15.61 26.20
N LEU D 110 -14.93 16.04 24.94
CA LEU D 110 -15.73 17.22 24.63
C LEU D 110 -17.16 16.74 24.46
N ARG D 111 -17.29 15.47 24.09
CA ARG D 111 -18.59 14.84 23.92
C ARG D 111 -18.47 13.43 23.38
N GLY D 112 -19.45 12.59 23.75
CA GLY D 112 -19.46 11.22 23.31
C GLY D 112 -20.87 10.92 22.82
N TYR D 113 -21.00 10.12 21.77
CA TYR D 113 -22.32 9.81 21.26
C TYR D 113 -22.66 8.34 21.36
N GLN D 114 -23.95 8.04 21.21
CA GLN D 114 -24.48 6.68 21.25
C GLN D 114 -25.92 6.84 20.80
N GLN D 115 -26.11 7.02 19.50
CA GLN D 115 -27.44 7.19 18.95
C GLN D 115 -27.84 6.12 17.95
N TYR D 116 -29.11 5.73 18.05
CA TYR D 116 -29.67 4.72 17.16
C TYR D 116 -30.67 5.38 16.23
N ALA D 117 -31.04 4.66 15.17
CA ALA D 117 -32.02 5.13 14.19
C ALA D 117 -32.66 3.88 13.59
N TYR D 118 -33.98 3.94 13.37
CA TYR D 118 -34.69 2.81 12.79
C TYR D 118 -35.31 3.31 11.52
N ASP D 119 -34.93 2.70 10.41
CA ASP D 119 -35.43 3.07 9.09
C ASP D 119 -35.19 4.55 8.78
N GLY D 120 -33.94 4.97 8.97
CA GLY D 120 -33.58 6.35 8.69
C GLY D 120 -34.14 7.43 9.60
N CYS D 121 -34.78 7.05 10.70
CA CYS D 121 -35.33 8.01 11.64
C CYS D 121 -34.75 7.87 13.05
N ASP D 122 -34.51 9.00 13.73
CA ASP D 122 -33.96 8.96 15.09
C ASP D 122 -34.77 7.97 15.93
N TYR D 123 -34.11 7.22 16.80
CA TYR D 123 -34.81 6.26 17.62
C TYR D 123 -34.57 6.59 19.10
N ILE D 124 -33.32 6.54 19.50
CA ILE D 124 -32.97 6.84 20.88
C ILE D 124 -31.53 7.37 20.87
N ALA D 125 -31.15 8.15 21.86
CA ALA D 125 -29.80 8.69 21.90
C ALA D 125 -29.38 9.04 23.32
N LEU D 126 -28.11 8.85 23.62
CA LEU D 126 -27.60 9.20 24.94
C LEU D 126 -27.49 10.71 24.91
N ASN D 127 -28.00 11.36 25.94
CA ASN D 127 -27.95 12.81 26.04
C ASN D 127 -26.58 13.24 26.47
N GLU D 128 -26.16 14.42 26.03
CA GLU D 128 -24.83 14.93 26.34
C GLU D 128 -24.40 14.76 27.79
N ASP D 129 -25.35 14.66 28.72
CA ASP D 129 -25.00 14.49 30.12
C ASP D 129 -24.51 13.09 30.45
N LEU D 130 -24.49 12.21 29.45
CA LEU D 130 -24.05 10.84 29.64
C LEU D 130 -24.73 10.19 30.83
N LYS D 131 -25.97 10.60 31.09
CA LYS D 131 -26.72 10.06 32.22
C LYS D 131 -28.18 9.74 31.86
N THR D 132 -28.77 10.56 31.00
CA THR D 132 -30.16 10.37 30.62
C THR D 132 -30.38 10.12 29.13
N TRP D 133 -31.46 9.41 28.80
CA TRP D 133 -31.78 9.09 27.41
C TRP D 133 -32.88 9.98 26.84
N THR D 134 -32.95 10.01 25.52
CA THR D 134 -33.95 10.77 24.80
C THR D 134 -34.63 9.82 23.80
N ALA D 135 -35.81 9.34 24.17
CA ALA D 135 -36.60 8.43 23.30
C ALA D 135 -37.29 9.28 22.25
N ALA D 136 -37.59 8.67 21.11
CA ALA D 136 -38.22 9.41 20.01
C ALA D 136 -39.68 9.03 19.77
N ASP D 137 -40.14 7.94 20.39
CA ASP D 137 -41.51 7.50 20.22
C ASP D 137 -41.88 6.39 21.19
N MET D 138 -43.13 5.95 21.15
CA MET D 138 -43.58 4.88 22.04
C MET D 138 -42.63 3.68 22.04
N ALA D 139 -42.10 3.36 20.86
CA ALA D 139 -41.18 2.24 20.75
C ALA D 139 -39.97 2.46 21.64
N ALA D 140 -39.20 3.49 21.32
CA ALA D 140 -37.99 3.84 22.05
C ALA D 140 -38.13 3.94 23.57
N LEU D 141 -39.32 4.32 24.07
CA LEU D 141 -39.51 4.46 25.51
C LEU D 141 -39.27 3.14 26.24
N ILE D 142 -39.58 2.05 25.55
CA ILE D 142 -39.41 0.70 26.07
C ILE D 142 -37.93 0.49 26.33
N THR D 143 -37.13 0.63 25.27
CA THR D 143 -35.68 0.49 25.34
C THR D 143 -35.15 1.32 26.49
N LYS D 144 -35.55 2.60 26.51
CA LYS D 144 -35.12 3.51 27.55
C LYS D 144 -35.38 2.85 28.89
N HIS D 145 -36.63 2.56 29.20
CA HIS D 145 -36.92 1.94 30.49
C HIS D 145 -35.94 0.80 30.74
N LYS D 146 -35.68 -0.01 29.71
CA LYS D 146 -34.74 -1.12 29.85
C LYS D 146 -33.33 -0.65 30.20
N TRP D 147 -32.79 0.29 29.42
CA TRP D 147 -31.45 0.76 29.67
C TRP D 147 -31.29 1.53 30.98
N GLU D 148 -32.36 2.17 31.45
CA GLU D 148 -32.29 2.89 32.72
C GLU D 148 -32.11 1.82 33.79
N GLN D 149 -33.00 0.83 33.77
CA GLN D 149 -32.98 -0.28 34.72
C GLN D 149 -31.61 -0.92 34.80
N ALA D 150 -31.04 -1.21 33.64
CA ALA D 150 -29.73 -1.85 33.54
C ALA D 150 -28.56 -0.91 33.79
N GLY D 151 -28.85 0.39 33.90
CA GLY D 151 -27.80 1.37 34.12
C GLY D 151 -26.88 1.49 32.92
N GLU D 152 -27.43 1.29 31.73
CA GLU D 152 -26.65 1.36 30.50
C GLU D 152 -25.87 2.69 30.41
N ALA D 153 -26.51 3.77 30.85
CA ALA D 153 -25.89 5.10 30.80
C ALA D 153 -24.49 5.12 31.43
N GLU D 154 -24.34 4.44 32.56
CA GLU D 154 -23.06 4.41 33.25
C GLU D 154 -22.06 3.51 32.54
N ARG D 155 -22.56 2.42 31.94
CA ARG D 155 -21.70 1.49 31.20
C ARG D 155 -21.08 2.21 30.02
N LEU D 156 -21.90 3.00 29.31
CA LEU D 156 -21.43 3.73 28.16
C LEU D 156 -20.60 4.92 28.55
N ARG D 157 -20.99 5.58 29.62
CA ARG D 157 -20.24 6.74 30.08
C ARG D 157 -18.81 6.30 30.38
N ALA D 158 -18.67 5.08 30.90
CA ALA D 158 -17.36 4.53 31.22
C ALA D 158 -16.58 4.18 29.96
N TYR D 159 -17.24 3.60 28.97
CA TYR D 159 -16.58 3.25 27.73
C TYR D 159 -16.04 4.52 27.08
N LEU D 160 -16.92 5.51 27.02
CA LEU D 160 -16.60 6.78 26.39
C LEU D 160 -15.49 7.61 27.05
N GLU D 161 -15.56 7.78 28.36
CA GLU D 161 -14.56 8.56 29.07
C GLU D 161 -13.26 7.79 29.29
N GLY D 162 -13.29 6.49 29.03
CA GLY D 162 -12.10 5.68 29.22
C GLY D 162 -11.58 5.01 27.96
N THR D 163 -12.12 3.82 27.68
CA THR D 163 -11.73 3.04 26.52
C THR D 163 -11.71 3.81 25.21
N CYS D 164 -12.81 4.48 24.90
CA CYS D 164 -12.89 5.22 23.65
C CYS D 164 -11.82 6.29 23.52
N VAL D 165 -11.61 7.02 24.61
CA VAL D 165 -10.62 8.10 24.65
C VAL D 165 -9.21 7.51 24.50
N GLU D 166 -8.89 6.54 25.34
CA GLU D 166 -7.59 5.89 25.28
C GLU D 166 -7.29 5.34 23.87
N TRP D 167 -8.22 4.58 23.31
CA TRP D 167 -8.00 4.03 21.98
C TRP D 167 -7.75 5.10 20.93
N LEU D 168 -8.48 6.21 21.02
CA LEU D 168 -8.31 7.32 20.09
C LEU D 168 -6.88 7.79 20.11
N ARG D 169 -6.30 7.80 21.30
CA ARG D 169 -4.91 8.23 21.46
C ARG D 169 -3.96 7.31 20.70
N ARG D 170 -4.12 6.01 20.90
CA ARG D 170 -3.27 5.05 20.22
C ARG D 170 -3.43 5.15 18.71
N TYR D 171 -4.65 5.32 18.21
CA TYR D 171 -4.86 5.42 16.77
C TYR D 171 -4.17 6.67 16.24
N LEU D 172 -4.30 7.76 16.99
CA LEU D 172 -3.67 9.01 16.61
C LEU D 172 -2.15 8.89 16.62
N LYS D 173 -1.62 8.11 17.56
CA LYS D 173 -0.18 7.93 17.64
C LYS D 173 0.34 7.36 16.34
N ASN D 174 -0.36 6.36 15.81
CA ASN D 174 0.04 5.69 14.58
C ASN D 174 -0.23 6.43 13.27
N GLY D 175 -1.43 7.00 13.14
CA GLY D 175 -1.75 7.67 11.90
C GLY D 175 -1.78 9.18 11.94
N ASN D 176 -0.93 9.78 12.76
CA ASN D 176 -0.90 11.24 12.84
C ASN D 176 -0.15 11.80 11.63
N ALA D 177 0.98 11.16 11.30
CA ALA D 177 1.80 11.56 10.17
C ALA D 177 1.05 11.35 8.86
N THR D 178 -0.24 11.09 8.97
CA THR D 178 -1.10 10.85 7.81
C THR D 178 -2.39 11.66 7.94
N LEU D 179 -3.08 11.44 9.06
CA LEU D 179 -4.33 12.12 9.34
C LEU D 179 -4.25 13.62 9.14
N LEU D 180 -3.22 14.23 9.73
CA LEU D 180 -3.02 15.68 9.65
C LEU D 180 -2.92 16.25 8.25
N ARG D 181 -2.88 15.38 7.24
CA ARG D 181 -2.77 15.81 5.84
C ARG D 181 -3.72 16.95 5.54
N THR D 182 -3.24 17.92 4.76
CA THR D 182 -4.06 19.05 4.39
C THR D 182 -3.65 19.56 3.03
N ASP D 183 -4.47 19.24 2.03
CA ASP D 183 -4.24 19.65 0.65
C ASP D 183 -5.08 20.88 0.41
N SER D 184 -4.48 21.92 -0.14
CA SER D 184 -5.21 23.14 -0.39
C SER D 184 -5.74 23.17 -1.81
N PRO D 185 -6.89 23.83 -2.02
CA PRO D 185 -7.52 23.95 -3.33
C PRO D 185 -6.73 24.80 -4.30
N LYS D 186 -6.96 24.54 -5.58
CA LYS D 186 -6.33 25.28 -6.65
C LYS D 186 -7.52 25.74 -7.47
N ALA D 187 -7.91 27.00 -7.28
CA ALA D 187 -9.06 27.55 -7.98
C ALA D 187 -8.77 27.98 -9.41
N HIS D 188 -9.79 28.51 -10.07
CA HIS D 188 -9.74 29.03 -11.44
C HIS D 188 -11.18 29.25 -11.88
N VAL D 189 -11.39 30.16 -12.81
CA VAL D 189 -12.73 30.47 -13.25
C VAL D 189 -13.00 30.14 -14.71
N THR D 190 -14.23 29.73 -15.01
CA THR D 190 -14.61 29.42 -16.40
C THR D 190 -15.66 30.44 -16.82
N HIS D 191 -15.85 30.59 -18.13
CA HIS D 191 -16.80 31.54 -18.67
C HIS D 191 -17.80 30.81 -19.59
N HIS D 192 -19.08 31.04 -19.37
CA HIS D 192 -20.10 30.36 -20.14
C HIS D 192 -21.11 31.31 -20.70
N SER D 193 -21.26 31.28 -22.02
CA SER D 193 -22.21 32.15 -22.72
C SER D 193 -23.62 31.76 -22.33
N ARG D 194 -24.44 32.77 -22.03
CA ARG D 194 -25.82 32.57 -21.61
C ARG D 194 -26.83 33.21 -22.54
N PRO D 195 -28.13 32.95 -22.31
CA PRO D 195 -29.15 33.55 -23.17
C PRO D 195 -29.09 35.07 -23.11
N GLU D 196 -29.10 35.67 -24.30
CA GLU D 196 -29.05 37.10 -24.48
C GLU D 196 -27.69 37.71 -24.10
N ASP D 197 -27.75 38.79 -23.34
CA ASP D 197 -26.56 39.52 -22.92
C ASP D 197 -25.88 39.08 -21.63
N LYS D 198 -26.38 38.01 -21.01
CA LYS D 198 -25.78 37.55 -19.76
C LYS D 198 -24.70 36.52 -20.04
N VAL D 199 -23.96 36.15 -19.00
CA VAL D 199 -22.91 35.14 -19.07
C VAL D 199 -22.73 34.56 -17.68
N THR D 200 -22.06 33.41 -17.59
CA THR D 200 -21.85 32.76 -16.30
C THR D 200 -20.39 32.54 -15.97
N LEU D 201 -20.02 32.94 -14.77
CA LEU D 201 -18.66 32.78 -14.28
C LEU D 201 -18.78 31.71 -13.21
N ARG D 202 -18.08 30.61 -13.41
CA ARG D 202 -18.11 29.50 -12.46
C ARG D 202 -16.75 29.34 -11.83
N CYS D 203 -16.67 29.59 -10.52
CA CYS D 203 -15.42 29.49 -9.80
C CYS D 203 -15.22 28.07 -9.34
N TRP D 204 -14.08 27.50 -9.72
CA TRP D 204 -13.79 26.12 -9.34
C TRP D 204 -12.80 25.97 -8.21
N ALA D 205 -12.94 24.91 -7.44
CA ALA D 205 -12.02 24.64 -6.35
C ALA D 205 -11.74 23.15 -6.48
N LEU D 206 -10.48 22.80 -6.74
CA LEU D 206 -10.14 21.40 -6.93
C LEU D 206 -8.98 20.93 -6.07
N GLY D 207 -8.87 19.61 -5.94
CA GLY D 207 -7.81 18.98 -5.17
C GLY D 207 -7.67 19.35 -3.71
N PHE D 208 -8.68 19.96 -3.13
CA PHE D 208 -8.57 20.35 -1.73
C PHE D 208 -8.96 19.27 -0.73
N TYR D 209 -8.44 19.40 0.49
CA TYR D 209 -8.72 18.47 1.58
C TYR D 209 -8.36 19.12 2.91
N PRO D 210 -9.22 18.94 3.94
CA PRO D 210 -10.47 18.18 3.90
C PRO D 210 -11.57 18.85 3.09
N ALA D 211 -12.74 18.22 3.05
CA ALA D 211 -13.86 18.74 2.26
C ALA D 211 -14.39 20.11 2.66
N ASP D 212 -14.21 20.50 3.93
CA ASP D 212 -14.68 21.79 4.42
C ASP D 212 -14.08 22.96 3.66
N ILE D 213 -14.94 23.76 3.03
CA ILE D 213 -14.50 24.91 2.25
C ILE D 213 -15.66 25.85 1.99
N THR D 214 -15.32 27.10 1.69
CA THR D 214 -16.30 28.13 1.39
C THR D 214 -15.88 28.95 0.17
N LEU D 215 -16.82 29.22 -0.72
CA LEU D 215 -16.54 29.99 -1.90
C LEU D 215 -17.54 31.12 -2.02
N THR D 216 -17.09 32.26 -2.53
CA THR D 216 -17.96 33.42 -2.70
C THR D 216 -17.65 34.17 -3.98
N TRP D 217 -18.57 35.06 -4.33
CA TRP D 217 -18.42 35.91 -5.50
C TRP D 217 -18.70 37.32 -4.98
N GLN D 218 -17.83 38.25 -5.32
CA GLN D 218 -18.01 39.61 -4.90
C GLN D 218 -18.11 40.57 -6.06
N LEU D 219 -18.97 41.58 -5.90
CA LEU D 219 -19.14 42.63 -6.90
C LEU D 219 -18.49 43.86 -6.26
N ASN D 220 -17.22 44.09 -6.59
CA ASN D 220 -16.47 45.20 -6.06
C ASN D 220 -16.64 45.19 -4.54
N GLY D 221 -16.08 44.16 -3.91
CA GLY D 221 -16.18 44.04 -2.46
C GLY D 221 -17.60 44.05 -1.91
N GLU D 222 -18.31 42.94 -2.12
CA GLU D 222 -19.67 42.80 -1.63
C GLU D 222 -20.21 41.44 -2.09
N GLU D 223 -20.35 40.51 -1.13
CA GLU D 223 -20.81 39.15 -1.40
C GLU D 223 -22.16 38.98 -2.10
N LEU D 224 -22.16 38.31 -3.23
CA LEU D 224 -23.37 38.08 -4.01
C LEU D 224 -23.98 36.75 -3.60
N ILE D 225 -24.22 36.57 -2.31
CA ILE D 225 -24.76 35.31 -1.81
C ILE D 225 -26.25 35.07 -2.09
N GLN D 226 -27.04 36.14 -2.21
CA GLN D 226 -28.47 35.97 -2.46
C GLN D 226 -28.82 35.40 -3.83
N ASP D 227 -27.98 35.62 -4.83
CA ASP D 227 -28.27 35.09 -6.17
C ASP D 227 -27.05 34.48 -6.84
N MET D 228 -26.65 33.31 -6.35
CA MET D 228 -25.49 32.58 -6.85
C MET D 228 -25.73 31.08 -6.69
N GLU D 229 -25.36 30.31 -7.71
CA GLU D 229 -25.54 28.86 -7.66
C GLU D 229 -24.28 28.15 -7.21
N LEU D 230 -24.45 26.95 -6.67
CA LEU D 230 -23.32 26.15 -6.22
C LEU D 230 -23.71 24.70 -5.98
N VAL D 231 -22.71 23.82 -6.04
CA VAL D 231 -22.91 22.38 -5.83
C VAL D 231 -22.38 21.92 -4.49
N GLU D 232 -23.00 20.89 -3.93
CA GLU D 232 -22.56 20.34 -2.67
C GLU D 232 -21.15 19.82 -2.88
N THR D 233 -20.27 20.03 -1.92
CA THR D 233 -18.90 19.56 -2.04
C THR D 233 -18.93 18.09 -2.46
N ARG D 234 -18.11 17.74 -3.44
CA ARG D 234 -18.11 16.40 -3.95
C ARG D 234 -16.72 15.77 -4.06
N PRO D 235 -16.63 14.46 -3.83
CA PRO D 235 -15.36 13.73 -3.91
C PRO D 235 -14.87 13.48 -5.34
N ALA D 236 -13.61 13.79 -5.58
CA ALA D 236 -12.98 13.59 -6.87
C ALA D 236 -12.61 12.13 -7.06
N GLY D 237 -12.60 11.37 -5.96
CA GLY D 237 -12.28 9.97 -6.04
C GLY D 237 -10.90 9.56 -5.60
N ASP D 238 -9.94 10.48 -5.61
CA ASP D 238 -8.58 10.16 -5.20
C ASP D 238 -8.24 10.74 -3.84
N GLY D 239 -9.25 10.96 -3.01
CA GLY D 239 -9.02 11.51 -1.69
C GLY D 239 -9.23 13.01 -1.60
N THR D 240 -9.21 13.72 -2.72
CA THR D 240 -9.41 15.17 -2.69
C THR D 240 -10.84 15.51 -3.08
N PHE D 241 -11.25 16.74 -2.83
CA PHE D 241 -12.62 17.13 -3.18
C PHE D 241 -12.70 18.27 -4.17
N GLN D 242 -13.93 18.65 -4.50
CA GLN D 242 -14.15 19.72 -5.47
C GLN D 242 -15.38 20.50 -5.04
N LYS D 243 -15.62 21.61 -5.73
CA LYS D 243 -16.78 22.46 -5.50
C LYS D 243 -16.66 23.67 -6.41
N TRP D 244 -17.79 24.29 -6.72
CA TRP D 244 -17.75 25.45 -7.56
C TRP D 244 -18.91 26.37 -7.26
N ALA D 245 -18.72 27.67 -7.46
CA ALA D 245 -19.77 28.65 -7.24
C ALA D 245 -19.87 29.46 -8.50
N SER D 246 -21.07 29.66 -8.99
CA SER D 246 -21.23 30.42 -10.22
C SER D 246 -22.23 31.52 -10.02
N VAL D 247 -22.08 32.58 -10.81
CA VAL D 247 -22.98 33.73 -10.71
C VAL D 247 -23.13 34.25 -12.12
N VAL D 248 -24.27 34.88 -12.41
CA VAL D 248 -24.52 35.41 -13.74
C VAL D 248 -24.26 36.90 -13.79
N VAL D 249 -23.33 37.30 -14.64
CA VAL D 249 -22.98 38.71 -14.73
C VAL D 249 -23.26 39.26 -16.13
N PRO D 250 -23.43 40.58 -16.24
CA PRO D 250 -23.69 41.19 -17.54
C PRO D 250 -22.51 40.96 -18.45
N LEU D 251 -22.78 40.92 -19.74
CA LEU D 251 -21.76 40.71 -20.75
C LEU D 251 -20.82 41.91 -20.67
N GLY D 252 -19.52 41.67 -20.78
CA GLY D 252 -18.57 42.76 -20.74
C GLY D 252 -18.22 43.34 -19.39
N LYS D 253 -18.85 42.84 -18.32
CA LYS D 253 -18.57 43.31 -16.95
C LYS D 253 -17.94 42.19 -16.13
N GLU D 254 -17.39 41.18 -16.83
CA GLU D 254 -16.79 40.05 -16.15
C GLU D 254 -15.67 40.46 -15.21
N GLN D 255 -15.04 41.59 -15.51
CA GLN D 255 -13.93 42.09 -14.70
C GLN D 255 -14.31 42.86 -13.46
N TYR D 256 -15.59 42.93 -13.15
CA TYR D 256 -16.03 43.64 -11.97
C TYR D 256 -16.32 42.62 -10.89
N TYR D 257 -16.11 41.34 -11.20
CA TYR D 257 -16.36 40.29 -10.22
C TYR D 257 -15.10 39.54 -9.84
N THR D 258 -15.06 39.12 -8.58
CA THR D 258 -13.93 38.35 -8.10
C THR D 258 -14.49 37.24 -7.24
N CYS D 259 -13.81 36.11 -7.23
CA CYS D 259 -14.26 34.97 -6.44
C CYS D 259 -13.30 34.79 -5.28
N HIS D 260 -13.86 34.45 -4.12
CA HIS D 260 -13.02 34.23 -2.96
C HIS D 260 -13.12 32.81 -2.45
N VAL D 261 -11.95 32.16 -2.36
CA VAL D 261 -11.82 30.78 -1.92
C VAL D 261 -11.21 30.68 -0.50
N TYR D 262 -12.01 30.28 0.49
CA TYR D 262 -11.54 30.14 1.87
C TYR D 262 -11.40 28.67 2.26
N HIS D 263 -10.19 28.25 2.61
CA HIS D 263 -9.98 26.87 3.03
C HIS D 263 -9.01 26.83 4.19
N GLN D 264 -9.11 25.78 5.01
CA GLN D 264 -8.24 25.63 6.17
C GLN D 264 -6.85 25.09 5.79
N GLY D 265 -6.41 25.38 4.58
CA GLY D 265 -5.11 24.94 4.13
C GLY D 265 -4.45 26.12 3.43
N LEU D 266 -5.23 27.18 3.28
CA LEU D 266 -4.77 28.40 2.63
C LEU D 266 -4.27 29.42 3.65
N PRO D 267 -3.00 29.83 3.53
CA PRO D 267 -2.46 30.81 4.48
C PRO D 267 -3.30 32.08 4.38
N GLU D 268 -3.95 32.25 3.23
CA GLU D 268 -4.79 33.40 2.97
C GLU D 268 -5.83 33.07 1.90
N PRO D 269 -7.08 33.50 2.11
CA PRO D 269 -8.15 33.23 1.15
C PRO D 269 -7.70 33.57 -0.25
N LEU D 270 -8.11 32.76 -1.22
CA LEU D 270 -7.75 32.98 -2.62
C LEU D 270 -8.67 34.00 -3.28
N THR D 271 -8.11 34.76 -4.21
CA THR D 271 -8.88 35.75 -4.94
C THR D 271 -8.54 35.58 -6.40
N LEU D 272 -9.53 35.75 -7.27
CA LEU D 272 -9.29 35.60 -8.69
C LEU D 272 -10.45 36.13 -9.50
N ARG D 273 -10.22 36.27 -10.79
CA ARG D 273 -11.23 36.75 -11.70
C ARG D 273 -11.14 35.97 -12.98
N TRP D 274 -12.06 36.26 -13.89
CA TRP D 274 -12.08 35.62 -15.19
C TRP D 274 -10.83 36.06 -15.93
N GLU D 275 -10.17 35.12 -16.59
CA GLU D 275 -8.99 35.45 -17.36
C GLU D 275 -9.11 34.78 -18.72
N PRO D 276 -9.47 35.55 -19.75
CA PRO D 276 -9.60 34.98 -21.10
C PRO D 276 -8.28 34.36 -21.54
N PRO D 277 -8.32 33.20 -22.22
CA PRO D 277 -7.09 32.53 -22.68
C PRO D 277 -6.06 33.48 -23.28
N PRO D 278 -4.77 33.17 -23.07
CA PRO D 278 -3.60 33.92 -23.53
C PRO D 278 -3.60 34.48 -24.96
N MET E 1 -41.93 3.37 8.39
CA MET E 1 -41.17 3.51 7.11
C MET E 1 -40.90 4.96 6.72
N ILE E 2 -39.72 5.20 6.15
CA ILE E 2 -39.32 6.53 5.70
C ILE E 2 -38.50 6.37 4.43
N GLN E 3 -38.51 7.39 3.58
CA GLN E 3 -37.75 7.33 2.35
C GLN E 3 -37.27 8.70 1.91
N LYS E 4 -35.96 8.81 1.70
CA LYS E 4 -35.38 10.06 1.25
C LYS E 4 -34.96 9.88 -0.20
N THR E 5 -35.26 10.87 -1.03
CA THR E 5 -34.93 10.85 -2.45
C THR E 5 -33.45 11.14 -2.72
N PRO E 6 -32.79 10.24 -3.46
CA PRO E 6 -31.36 10.35 -3.81
C PRO E 6 -30.99 11.64 -4.50
N GLN E 7 -29.84 12.20 -4.13
CA GLN E 7 -29.36 13.41 -4.75
C GLN E 7 -28.17 12.95 -5.60
N ILE E 8 -28.22 13.22 -6.90
CA ILE E 8 -27.18 12.79 -7.81
C ILE E 8 -26.31 13.88 -8.39
N GLN E 9 -25.09 13.50 -8.73
CA GLN E 9 -24.14 14.41 -9.36
C GLN E 9 -23.27 13.62 -10.32
N VAL E 10 -23.08 14.12 -11.53
CA VAL E 10 -22.23 13.43 -12.49
C VAL E 10 -21.17 14.39 -12.96
N TYR E 11 -19.91 14.06 -12.69
CA TYR E 11 -18.80 14.93 -13.02
C TYR E 11 -17.50 14.14 -13.14
N SER E 12 -16.54 14.66 -13.89
CA SER E 12 -15.26 13.98 -14.06
C SER E 12 -14.27 14.28 -12.95
N ARG E 13 -13.28 13.42 -12.80
CA ARG E 13 -12.26 13.59 -11.78
C ARG E 13 -11.27 14.67 -12.14
N HIS E 14 -11.09 14.90 -13.44
CA HIS E 14 -10.18 15.91 -13.91
C HIS E 14 -10.93 16.73 -14.93
N PRO E 15 -10.50 17.98 -15.16
CA PRO E 15 -11.22 18.78 -16.14
C PRO E 15 -11.17 18.01 -17.46
N PRO E 16 -12.32 17.84 -18.11
CA PRO E 16 -12.41 17.14 -19.38
C PRO E 16 -11.62 17.77 -20.52
N GLU E 17 -10.99 16.93 -21.33
CA GLU E 17 -10.22 17.35 -22.50
C GLU E 17 -10.57 16.31 -23.56
N ASN E 18 -11.09 16.74 -24.70
CA ASN E 18 -11.43 15.79 -25.74
C ASN E 18 -10.24 14.97 -26.18
N GLY E 19 -10.31 13.65 -25.96
CA GLY E 19 -9.22 12.77 -26.34
C GLY E 19 -8.31 12.35 -25.20
N LYS E 20 -8.57 12.84 -23.98
CA LYS E 20 -7.74 12.49 -22.83
C LYS E 20 -8.47 11.60 -21.82
N PRO E 21 -7.82 10.51 -21.37
CA PRO E 21 -8.41 9.58 -20.40
C PRO E 21 -8.79 10.31 -19.12
N ASN E 22 -9.90 9.94 -18.51
CA ASN E 22 -10.34 10.60 -17.31
C ASN E 22 -11.16 9.61 -16.50
N ILE E 23 -11.87 10.09 -15.49
CA ILE E 23 -12.72 9.24 -14.66
C ILE E 23 -14.09 9.89 -14.51
N LEU E 24 -15.14 9.19 -14.91
CA LEU E 24 -16.48 9.76 -14.78
C LEU E 24 -17.06 9.29 -13.45
N ASN E 25 -17.45 10.26 -12.62
CA ASN E 25 -18.02 9.98 -11.30
C ASN E 25 -19.53 10.18 -11.32
N CYS E 26 -20.21 9.44 -10.46
CA CYS E 26 -21.64 9.56 -10.26
C CYS E 26 -21.74 9.46 -8.75
N TYR E 27 -22.04 10.58 -8.12
CA TYR E 27 -22.14 10.65 -6.66
C TYR E 27 -23.62 10.64 -6.25
N VAL E 28 -24.02 9.66 -5.45
CA VAL E 28 -25.39 9.57 -5.00
C VAL E 28 -25.43 9.68 -3.48
N THR E 29 -26.20 10.65 -3.00
CA THR E 29 -26.35 10.89 -1.56
C THR E 29 -27.79 11.18 -1.14
N GLN E 30 -28.00 11.25 0.16
CA GLN E 30 -29.31 11.57 0.73
C GLN E 30 -30.41 10.54 0.54
N PHE E 31 -30.07 9.27 0.34
CA PHE E 31 -31.12 8.26 0.16
C PHE E 31 -31.28 7.29 1.33
N HIS E 32 -32.47 6.72 1.44
CA HIS E 32 -32.79 5.76 2.50
C HIS E 32 -34.12 5.14 2.11
N PRO E 33 -34.26 3.80 2.18
CA PRO E 33 -33.32 2.75 2.57
C PRO E 33 -32.04 2.74 1.77
N PRO E 34 -31.04 2.00 2.23
CA PRO E 34 -29.73 1.87 1.59
C PRO E 34 -29.64 1.14 0.25
N HIS E 35 -30.61 0.29 -0.06
CA HIS E 35 -30.57 -0.43 -1.32
C HIS E 35 -30.78 0.51 -2.49
N ILE E 36 -29.92 0.42 -3.49
CA ILE E 36 -30.01 1.32 -4.64
C ILE E 36 -29.25 0.79 -5.87
N GLU E 37 -29.81 1.01 -7.05
CA GLU E 37 -29.18 0.55 -8.28
C GLU E 37 -28.67 1.74 -9.11
N ILE E 38 -27.37 1.73 -9.38
CA ILE E 38 -26.75 2.81 -10.15
C ILE E 38 -26.20 2.28 -11.46
N GLN E 39 -26.60 2.87 -12.57
CA GLN E 39 -26.11 2.47 -13.88
C GLN E 39 -25.44 3.68 -14.53
N MET E 40 -24.30 3.48 -15.16
CA MET E 40 -23.66 4.58 -15.86
C MET E 40 -23.76 4.23 -17.33
N LEU E 41 -24.38 5.10 -18.11
CA LEU E 41 -24.58 4.85 -19.53
C LEU E 41 -23.82 5.78 -20.44
N LYS E 42 -23.45 5.25 -21.61
CA LYS E 42 -22.75 6.01 -22.64
C LYS E 42 -23.64 6.00 -23.87
N ASN E 43 -24.17 7.17 -24.20
CA ASN E 43 -25.05 7.33 -25.35
C ASN E 43 -26.28 6.45 -25.21
N GLY E 44 -26.65 6.17 -23.96
CA GLY E 44 -27.81 5.34 -23.68
C GLY E 44 -27.51 3.90 -23.30
N LYS E 45 -26.51 3.30 -23.94
CA LYS E 45 -26.17 1.91 -23.67
C LYS E 45 -25.32 1.76 -22.41
N LYS E 46 -25.81 0.95 -21.48
CA LYS E 46 -25.12 0.69 -20.22
C LYS E 46 -23.64 0.45 -20.38
N ILE E 47 -22.85 1.01 -19.46
CA ILE E 47 -21.41 0.85 -19.45
C ILE E 47 -21.16 -0.45 -18.69
N PRO E 48 -20.06 -1.15 -19.00
CA PRO E 48 -19.70 -2.41 -18.35
C PRO E 48 -19.02 -2.31 -16.99
N LYS E 49 -17.73 -1.94 -17.02
CA LYS E 49 -16.93 -1.81 -15.80
C LYS E 49 -17.21 -0.50 -15.06
N VAL E 50 -18.23 -0.55 -14.20
CA VAL E 50 -18.63 0.58 -13.40
C VAL E 50 -18.28 0.18 -11.98
N GLU E 51 -17.35 0.89 -11.36
CA GLU E 51 -16.95 0.53 -10.02
C GLU E 51 -17.73 1.30 -8.95
N MET E 52 -18.00 0.63 -7.83
CA MET E 52 -18.74 1.24 -6.73
C MET E 52 -17.93 1.36 -5.46
N SER E 53 -18.01 2.52 -4.83
CA SER E 53 -17.32 2.71 -3.57
C SER E 53 -18.18 1.91 -2.57
N ASP E 54 -17.63 1.61 -1.40
CA ASP E 54 -18.40 0.90 -0.40
C ASP E 54 -19.44 1.93 -0.01
N MET E 55 -20.48 1.53 0.73
CA MET E 55 -21.49 2.49 1.11
C MET E 55 -21.27 2.98 2.52
N SER E 56 -21.60 4.24 2.75
CA SER E 56 -21.42 4.83 4.07
C SER E 56 -22.60 5.74 4.31
N PHE E 57 -22.82 6.14 5.56
CA PHE E 57 -23.93 7.04 5.83
C PHE E 57 -23.50 8.26 6.66
N SER E 58 -24.05 9.41 6.29
CA SER E 58 -23.76 10.66 6.96
C SER E 58 -24.47 10.77 8.30
N LYS E 59 -24.19 11.82 9.05
CA LYS E 59 -24.79 12.00 10.36
C LYS E 59 -26.30 12.11 10.32
N ASP E 60 -26.86 12.47 9.17
CA ASP E 60 -28.31 12.61 9.06
C ASP E 60 -28.91 11.26 8.68
N TRP E 61 -28.15 10.20 8.95
CA TRP E 61 -28.57 8.83 8.68
C TRP E 61 -28.61 8.39 7.23
N SER E 62 -28.77 9.33 6.30
CA SER E 62 -28.83 8.95 4.89
C SER E 62 -27.51 8.31 4.42
N PHE E 63 -27.60 7.51 3.36
CA PHE E 63 -26.44 6.82 2.80
C PHE E 63 -25.93 7.51 1.57
N TYR E 64 -24.67 7.26 1.27
CA TYR E 64 -24.06 7.85 0.08
C TYR E 64 -23.03 6.89 -0.48
N ILE E 65 -22.85 6.97 -1.79
CA ILE E 65 -21.91 6.07 -2.45
C ILE E 65 -21.37 6.76 -3.70
N LEU E 66 -20.17 6.39 -4.12
CA LEU E 66 -19.57 6.97 -5.30
C LEU E 66 -19.30 5.89 -6.33
N ALA E 67 -19.96 6.00 -7.48
CA ALA E 67 -19.79 5.05 -8.57
C ALA E 67 -18.99 5.82 -9.59
N HIS E 68 -17.96 5.20 -10.15
CA HIS E 68 -17.14 5.87 -11.16
C HIS E 68 -16.75 4.89 -12.23
N THR E 69 -16.25 5.41 -13.36
CA THR E 69 -15.83 4.58 -14.47
C THR E 69 -14.74 5.27 -15.26
N GLU E 70 -14.02 4.52 -16.08
CA GLU E 70 -12.97 5.10 -16.88
C GLU E 70 -13.64 5.53 -18.17
N PHE E 71 -13.15 6.61 -18.78
CA PHE E 71 -13.70 7.08 -20.04
C PHE E 71 -12.88 8.20 -20.67
N THR E 72 -12.94 8.32 -21.99
CA THR E 72 -12.24 9.37 -22.70
C THR E 72 -13.28 10.18 -23.45
N PRO E 73 -13.70 11.30 -22.86
CA PRO E 73 -14.70 12.20 -23.44
C PRO E 73 -14.35 12.72 -24.83
N THR E 74 -15.38 12.94 -25.62
CA THR E 74 -15.21 13.46 -26.97
C THR E 74 -16.12 14.66 -27.06
N GLU E 75 -16.19 15.26 -28.24
CA GLU E 75 -17.03 16.42 -28.41
C GLU E 75 -18.52 16.11 -28.43
N THR E 76 -18.89 14.94 -28.94
CA THR E 76 -20.30 14.59 -29.05
C THR E 76 -20.81 13.39 -28.26
N ASP E 77 -19.92 12.69 -27.56
CA ASP E 77 -20.36 11.55 -26.77
C ASP E 77 -21.18 12.03 -25.59
N THR E 78 -22.23 11.30 -25.28
CA THR E 78 -23.12 11.66 -24.18
C THR E 78 -23.01 10.64 -23.05
N TYR E 79 -22.96 11.09 -21.81
CA TYR E 79 -22.89 10.17 -20.68
C TYR E 79 -23.97 10.56 -19.67
N ALA E 80 -24.36 9.63 -18.82
CA ALA E 80 -25.38 9.91 -17.81
C ALA E 80 -25.34 8.87 -16.70
N CYS E 81 -26.01 9.15 -15.60
CA CYS E 81 -26.05 8.19 -14.51
C CYS E 81 -27.54 7.92 -14.29
N ARG E 82 -27.89 6.64 -14.14
CA ARG E 82 -29.27 6.27 -13.94
C ARG E 82 -29.37 5.66 -12.55
N VAL E 83 -30.37 6.10 -11.80
CA VAL E 83 -30.55 5.61 -10.45
C VAL E 83 -31.99 5.24 -10.19
N LYS E 84 -32.19 4.05 -9.64
CA LYS E 84 -33.52 3.56 -9.30
C LYS E 84 -33.51 3.33 -7.79
N HIS E 85 -34.43 3.98 -7.09
CA HIS E 85 -34.51 3.83 -5.65
C HIS E 85 -35.96 3.85 -5.19
N ASP E 86 -36.25 2.96 -4.25
CA ASP E 86 -37.59 2.81 -3.69
C ASP E 86 -38.30 4.15 -3.49
N SER E 87 -37.53 5.20 -3.28
CA SER E 87 -38.08 6.52 -3.04
C SER E 87 -38.70 7.17 -4.27
N MET E 88 -38.25 6.79 -5.46
CA MET E 88 -38.79 7.39 -6.66
C MET E 88 -39.64 6.41 -7.44
N ALA E 89 -40.71 6.92 -8.04
CA ALA E 89 -41.61 6.11 -8.84
C ALA E 89 -40.90 5.50 -10.04
N GLU E 90 -39.99 6.26 -10.63
CA GLU E 90 -39.24 5.80 -11.80
C GLU E 90 -37.73 6.07 -11.67
N PRO E 91 -36.92 5.48 -12.56
CA PRO E 91 -35.46 5.67 -12.51
C PRO E 91 -35.01 7.06 -12.97
N LYS E 92 -34.25 7.73 -12.10
CA LYS E 92 -33.73 9.06 -12.38
C LYS E 92 -32.44 9.03 -13.19
N THR E 93 -32.43 9.81 -14.25
CA THR E 93 -31.27 9.89 -15.12
C THR E 93 -30.69 11.30 -15.04
N VAL E 94 -29.37 11.39 -14.88
CA VAL E 94 -28.71 12.69 -14.82
C VAL E 94 -27.64 12.69 -15.88
N TYR E 95 -27.69 13.67 -16.77
CA TYR E 95 -26.71 13.73 -17.83
C TYR E 95 -25.47 14.48 -17.41
N TRP E 96 -24.34 14.08 -17.97
CA TRP E 96 -23.08 14.73 -17.66
C TRP E 96 -23.00 16.07 -18.36
N ASP E 97 -22.68 17.11 -17.59
CA ASP E 97 -22.53 18.44 -18.14
C ASP E 97 -21.08 18.78 -17.81
N ARG E 98 -20.20 18.82 -18.82
CA ARG E 98 -18.79 19.12 -18.59
C ARG E 98 -18.52 20.49 -17.96
N ASP E 99 -19.48 21.40 -18.07
CA ASP E 99 -19.31 22.72 -17.47
C ASP E 99 -19.88 22.75 -16.07
N MET E 100 -20.03 21.57 -15.46
CA MET E 100 -20.57 21.49 -14.11
C MET E 100 -20.03 20.33 -13.29
N SER F 1 -11.22 1.00 19.54
CA SER F 1 -12.03 -0.24 19.66
C SER F 1 -13.46 0.11 20.07
N GLU F 2 -14.41 -0.51 19.38
CA GLU F 2 -15.82 -0.27 19.61
C GLU F 2 -16.30 -0.82 20.94
N ILE F 3 -17.53 -0.47 21.30
CA ILE F 3 -18.13 -0.92 22.55
C ILE F 3 -19.12 -2.04 22.25
N GLU F 4 -19.26 -2.99 23.17
CA GLU F 4 -20.22 -4.07 22.98
C GLU F 4 -21.61 -3.42 23.11
N PHE F 5 -22.42 -3.50 22.05
CA PHE F 5 -23.75 -2.88 22.08
C PHE F 5 -24.75 -3.61 22.95
N ALA F 6 -25.72 -2.85 23.44
CA ALA F 6 -26.77 -3.42 24.26
C ALA F 6 -27.88 -3.75 23.29
N ARG F 7 -28.92 -4.40 23.78
CA ARG F 7 -30.03 -4.75 22.92
C ARG F 7 -31.26 -3.90 23.21
N LEU F 8 -31.97 -3.56 22.14
CA LEU F 8 -33.14 -2.73 22.25
C LEU F 8 -34.35 -3.41 22.90
#